data_6B10
#
_entry.id   6B10
#
_cell.length_a   53.400
_cell.length_b   80.296
_cell.length_c   83.923
_cell.angle_alpha   90.000
_cell.angle_beta   97.360
_cell.angle_gamma   90.000
#
_symmetry.space_group_name_H-M   'P 1 21 1'
#
loop_
_entity.id
_entity.type
_entity.pdbx_description
1 polymer 'Putative peptidyl-arginine deiminase family protein'
2 non-polymer 'PHOSPHATE ION'
3 non-polymer 'POTASSIUM ION'
4 water water
#
_entity_poly.entity_id   1
_entity_poly.type   'polypeptide(L)'
_entity_poly.pdbx_seq_one_letter_code
;ENLYFQGHMIKSIPEWSEQEYLMLSLPHEKSDWNPYLEEILQSYKEFVKVVSEFQKVLLIAPKQSDFENFKDIKNVEFFK
CDTNDTWIRDFGAIDIVENGRLKALDFTFNAWGNKFQSELDNAVNSKLFKEKFKEELKKVDFILEGGSIDFNGEGVMLTS
SHCLLNENRNSHLNKTQIDTKLKEIFGLKQIIWLENGFIKGDDTDHHIDTLARFIDKNTIAHCICEDEEDEHYLPLQKMK
EELKKTGFDLLELPIPKPLYYEERRLGATYANFVFINNALIVPFYKDKNDEIIAKRLSKALPNHKIIGVDARVFLRQNGS
LHCSCQNRFKGLR
;
_entity_poly.pdbx_strand_id   A,B
#
# COMPACT_ATOMS: atom_id res chain seq x y z
N GLU A 1 -13.40 8.73 -16.94
CA GLU A 1 -12.99 8.36 -15.54
C GLU A 1 -13.80 9.13 -14.49
N ASN A 2 -13.73 10.46 -14.53
CA ASN A 2 -14.25 11.32 -13.46
C ASN A 2 -15.77 11.52 -13.49
N LEU A 3 -16.50 10.42 -13.33
CA LEU A 3 -17.95 10.43 -13.38
C LEU A 3 -18.52 10.46 -11.96
N TYR A 4 -19.42 11.41 -11.72
CA TYR A 4 -20.12 11.50 -10.45
C TYR A 4 -21.62 11.27 -10.64
N PHE A 5 -22.22 10.55 -9.69
CA PHE A 5 -23.65 10.28 -9.71
C PHE A 5 -24.18 10.40 -8.29
N GLN A 6 -25.17 11.27 -8.11
CA GLN A 6 -25.81 11.51 -6.81
C GLN A 6 -24.80 11.69 -5.67
N GLY A 7 -23.79 12.50 -5.94
CA GLY A 7 -22.76 12.86 -4.97
C GLY A 7 -21.49 12.03 -4.96
N HIS A 8 -21.45 10.93 -5.72
CA HIS A 8 -20.37 9.96 -5.61
C HIS A 8 -19.71 9.59 -6.93
N MET A 9 -18.38 9.59 -6.92
CA MET A 9 -17.59 8.91 -7.96
C MET A 9 -17.20 7.53 -7.44
N ILE A 10 -17.59 6.49 -8.18
CA ILE A 10 -17.37 5.11 -7.75
C ILE A 10 -16.49 4.34 -8.72
N LYS A 11 -15.53 3.60 -8.16
CA LYS A 11 -14.71 2.68 -8.93
C LYS A 11 -14.81 1.28 -8.32
N SER A 12 -15.15 0.30 -9.16
CA SER A 12 -15.16 -1.10 -8.77
C SER A 12 -13.73 -1.63 -8.68
N ILE A 13 -13.50 -2.57 -7.77
CA ILE A 13 -12.15 -3.05 -7.45
C ILE A 13 -11.96 -4.47 -7.95
N PRO A 14 -10.95 -4.70 -8.80
CA PRO A 14 -10.63 -6.07 -9.19
C PRO A 14 -9.90 -6.79 -8.06
N GLU A 15 -10.00 -8.12 -8.05
CA GLU A 15 -9.48 -8.91 -6.93
C GLU A 15 -7.97 -8.83 -6.78
N TRP A 16 -7.26 -8.53 -7.86
CA TRP A 16 -5.80 -8.42 -7.81
C TRP A 16 -5.25 -7.11 -7.23
N SER A 17 -6.12 -6.16 -6.89
CA SER A 17 -5.69 -4.95 -6.18
C SER A 17 -5.20 -5.33 -4.77
N GLU A 18 -4.33 -4.49 -4.22
CA GLU A 18 -3.69 -4.76 -2.94
C GLU A 18 -4.71 -4.90 -1.83
N GLN A 19 -4.47 -5.84 -0.93
CA GLN A 19 -5.41 -6.18 0.11
C GLN A 19 -4.79 -6.10 1.50
N GLU A 20 -5.67 -5.96 2.50
CA GLU A 20 -5.25 -5.94 3.89
CA GLU A 20 -5.27 -5.93 3.90
C GLU A 20 -5.53 -7.30 4.54
N TYR A 21 -6.69 -7.87 4.26
CA TYR A 21 -7.08 -9.18 4.81
C TYR A 21 -7.71 -10.09 3.77
N LEU A 22 -7.49 -11.39 3.94
CA LEU A 22 -8.44 -12.39 3.44
C LEU A 22 -9.24 -12.89 4.64
N MET A 23 -10.56 -12.90 4.50
CA MET A 23 -11.44 -13.24 5.58
C MET A 23 -12.16 -14.55 5.32
N LEU A 24 -12.21 -15.40 6.33
CA LEU A 24 -12.87 -16.70 6.23
C LEU A 24 -13.73 -16.97 7.47
N SER A 25 -14.77 -17.77 7.29
CA SER A 25 -15.61 -18.22 8.39
C SER A 25 -15.37 -19.71 8.61
N LEU A 26 -14.70 -20.04 9.71
CA LEU A 26 -14.34 -21.42 10.02
C LEU A 26 -15.54 -22.37 10.09
N PRO A 27 -15.36 -23.61 9.59
CA PRO A 27 -16.35 -24.66 9.87
C PRO A 27 -16.25 -25.08 11.33
N HIS A 28 -17.38 -25.34 11.95
CA HIS A 28 -17.42 -25.80 13.33
C HIS A 28 -18.41 -26.94 13.50
N GLU A 29 -18.28 -27.67 14.59
CA GLU A 29 -19.17 -28.80 14.91
C GLU A 29 -20.56 -28.31 15.29
N LYS A 30 -21.30 -27.83 14.29
CA LYS A 30 -22.65 -27.29 14.48
C LYS A 30 -23.35 -27.11 13.14
N SER A 31 -22.64 -26.56 12.17
CA SER A 31 -23.10 -26.49 10.77
C SER A 31 -23.07 -27.89 10.12
N ASP A 32 -23.10 -27.95 8.80
CA ASP A 32 -23.18 -29.23 8.08
C ASP A 32 -21.80 -29.76 7.63
N TRP A 33 -20.78 -29.55 8.46
CA TRP A 33 -19.43 -30.08 8.22
C TRP A 33 -19.08 -31.18 9.23
N ASN A 34 -20.06 -31.60 10.02
CA ASN A 34 -19.84 -32.51 11.15
C ASN A 34 -19.13 -33.83 10.82
N PRO A 35 -19.63 -34.56 9.81
CA PRO A 35 -19.06 -35.89 9.50
C PRO A 35 -17.56 -35.85 9.16
N TYR A 36 -17.13 -34.82 8.44
CA TYR A 36 -15.74 -34.67 8.01
C TYR A 36 -15.18 -33.35 8.54
N LEU A 37 -15.35 -33.14 9.83
CA LEU A 37 -14.93 -31.91 10.50
C LEU A 37 -13.41 -31.74 10.42
N GLU A 38 -12.68 -32.76 10.87
CA GLU A 38 -11.21 -32.70 10.83
C GLU A 38 -10.69 -32.62 9.38
N GLU A 39 -11.44 -33.23 8.47
CA GLU A 39 -11.09 -33.20 7.04
C GLU A 39 -11.03 -31.78 6.51
N ILE A 40 -12.16 -31.06 6.59
CA ILE A 40 -12.23 -29.68 6.08
C ILE A 40 -11.31 -28.73 6.86
N LEU A 41 -11.24 -28.90 8.18
CA LEU A 41 -10.35 -28.07 9.00
C LEU A 41 -8.90 -28.22 8.57
N GLN A 42 -8.51 -29.43 8.18
CA GLN A 42 -7.15 -29.65 7.69
C GLN A 42 -6.92 -28.92 6.36
N SER A 43 -7.93 -28.95 5.49
CA SER A 43 -7.91 -28.18 4.25
C SER A 43 -7.76 -26.68 4.53
N TYR A 44 -8.59 -26.17 5.43
CA TYR A 44 -8.52 -24.77 5.88
C TYR A 44 -7.13 -24.41 6.38
N LYS A 45 -6.57 -25.25 7.24
CA LYS A 45 -5.24 -25.01 7.78
C LYS A 45 -4.21 -24.84 6.68
N GLU A 46 -4.30 -25.71 5.66
CA GLU A 46 -3.40 -25.64 4.53
C GLU A 46 -3.60 -24.34 3.76
N PHE A 47 -4.87 -24.04 3.50
CA PHE A 47 -5.26 -22.84 2.75
C PHE A 47 -4.80 -21.58 3.49
N VAL A 48 -5.05 -21.54 4.79
CA VAL A 48 -4.65 -20.43 5.64
C VAL A 48 -3.13 -20.29 5.67
N LYS A 49 -2.43 -21.39 5.89
CA LYS A 49 -0.96 -21.36 5.90
C LYS A 49 -0.38 -20.75 4.62
N VAL A 50 -0.92 -21.17 3.48
CA VAL A 50 -0.48 -20.66 2.18
C VAL A 50 -0.68 -19.15 2.08
N VAL A 51 -1.90 -18.70 2.36
CA VAL A 51 -2.25 -17.27 2.25
C VAL A 51 -1.44 -16.41 3.20
N SER A 52 -1.29 -16.87 4.44
CA SER A 52 -0.66 -16.09 5.51
C SER A 52 0.77 -15.70 5.20
N GLU A 53 1.40 -16.44 4.29
CA GLU A 53 2.75 -16.12 3.81
CA GLU A 53 2.75 -16.11 3.83
C GLU A 53 2.75 -14.82 3.01
N PHE A 54 1.60 -14.47 2.43
CA PHE A 54 1.50 -13.31 1.55
C PHE A 54 0.72 -12.10 2.09
N GLN A 55 -0.27 -12.33 2.95
CA GLN A 55 -1.00 -11.23 3.55
C GLN A 55 -1.71 -11.71 4.81
N LYS A 56 -2.21 -10.76 5.61
CA LYS A 56 -2.92 -11.13 6.82
C LYS A 56 -4.18 -11.91 6.51
N VAL A 57 -4.55 -12.79 7.43
CA VAL A 57 -5.76 -13.57 7.34
C VAL A 57 -6.57 -13.33 8.60
N LEU A 58 -7.88 -13.16 8.43
CA LEU A 58 -8.80 -13.03 9.55
C LEU A 58 -9.77 -14.21 9.54
N LEU A 59 -9.81 -14.94 10.64
CA LEU A 59 -10.70 -16.10 10.79
C LEU A 59 -11.82 -15.78 11.75
N ILE A 60 -13.05 -16.02 11.32
CA ILE A 60 -14.25 -15.72 12.08
C ILE A 60 -14.87 -17.03 12.57
N ALA A 61 -15.13 -17.13 13.87
CA ALA A 61 -15.73 -18.34 14.46
C ALA A 61 -16.38 -18.04 15.82
N PRO A 62 -17.37 -18.86 16.22
CA PRO A 62 -18.11 -18.64 17.47
C PRO A 62 -17.27 -18.77 18.75
N LYS A 63 -16.33 -19.70 18.79
CA LYS A 63 -15.59 -20.01 20.01
C LYS A 63 -14.08 -19.86 19.85
N GLN A 64 -13.43 -19.56 20.97
CA GLN A 64 -11.97 -19.44 21.03
C GLN A 64 -11.30 -20.77 20.71
N SER A 65 -11.96 -21.87 21.09
CA SER A 65 -11.44 -23.22 20.82
C SER A 65 -11.36 -23.52 19.32
N ASP A 66 -12.25 -22.92 18.53
CA ASP A 66 -12.18 -23.02 17.07
C ASP A 66 -10.86 -22.46 16.54
N PHE A 67 -10.43 -21.32 17.11
CA PHE A 67 -9.16 -20.68 16.69
C PHE A 67 -7.94 -21.47 17.11
N GLU A 68 -8.06 -22.28 18.16
CA GLU A 68 -6.94 -23.06 18.70
C GLU A 68 -6.09 -23.74 17.63
N ASN A 69 -6.74 -24.29 16.62
CA ASN A 69 -6.06 -25.02 15.54
C ASN A 69 -5.18 -24.16 14.63
N PHE A 70 -5.30 -22.84 14.72
CA PHE A 70 -4.58 -21.91 13.84
C PHE A 70 -3.71 -20.92 14.60
N LYS A 71 -3.48 -21.20 15.89
CA LYS A 71 -2.79 -20.25 16.79
C LYS A 71 -1.31 -20.09 16.48
N ASP A 72 -0.71 -21.11 15.85
CA ASP A 72 0.73 -21.11 15.57
C ASP A 72 1.12 -20.34 14.30
N ILE A 73 0.14 -19.99 13.47
CA ILE A 73 0.41 -19.43 12.14
C ILE A 73 0.56 -17.92 12.19
N LYS A 74 1.71 -17.42 11.70
CA LYS A 74 1.98 -15.99 11.63
C LYS A 74 0.97 -15.28 10.74
N ASN A 75 0.74 -13.99 11.02
CA ASN A 75 -0.22 -13.16 10.27
C ASN A 75 -1.65 -13.68 10.24
N VAL A 76 -2.08 -14.36 11.31
CA VAL A 76 -3.45 -14.80 11.40
C VAL A 76 -4.10 -14.15 12.61
N GLU A 77 -5.23 -13.46 12.37
CA GLU A 77 -5.99 -12.84 13.44
C GLU A 77 -7.30 -13.58 13.59
N PHE A 78 -7.97 -13.35 14.72
CA PHE A 78 -9.18 -14.05 15.07
C PHE A 78 -10.23 -13.06 15.53
N PHE A 79 -11.50 -13.41 15.32
CA PHE A 79 -12.61 -12.55 15.71
C PHE A 79 -13.79 -13.41 16.16
N LYS A 80 -14.11 -13.34 17.45
CA LYS A 80 -15.20 -14.10 18.02
C LYS A 80 -16.53 -13.57 17.51
N CYS A 81 -17.35 -14.48 16.95
CA CYS A 81 -18.64 -14.13 16.38
C CYS A 81 -19.38 -15.39 15.94
N ASP A 82 -20.65 -15.51 16.32
CA ASP A 82 -21.44 -16.70 15.99
C ASP A 82 -21.80 -16.72 14.52
N THR A 83 -21.94 -17.93 13.98
CA THR A 83 -22.25 -18.13 12.57
C THR A 83 -22.56 -19.62 12.33
N ASN A 84 -22.91 -19.95 11.08
CA ASN A 84 -22.98 -21.34 10.65
C ASN A 84 -22.46 -21.51 9.22
N ASP A 85 -22.99 -20.73 8.28
CA ASP A 85 -22.52 -20.68 6.90
C ASP A 85 -21.03 -20.28 6.87
N THR A 86 -20.22 -21.09 6.20
CA THR A 86 -18.79 -20.79 6.04
C THR A 86 -18.49 -20.05 4.72
N TRP A 87 -19.47 -20.01 3.82
CA TRP A 87 -19.26 -19.42 2.51
C TRP A 87 -19.39 -17.90 2.60
N ILE A 88 -18.34 -17.27 3.11
CA ILE A 88 -18.36 -15.83 3.38
C ILE A 88 -18.46 -14.97 2.11
N ARG A 89 -17.95 -15.48 0.99
CA ARG A 89 -18.13 -14.83 -0.32
C ARG A 89 -19.61 -14.52 -0.61
N ASP A 90 -20.52 -15.41 -0.18
CA ASP A 90 -21.96 -15.19 -0.36
C ASP A 90 -22.45 -13.93 0.35
N PHE A 91 -22.06 -13.77 1.61
CA PHE A 91 -22.65 -12.72 2.45
C PHE A 91 -21.69 -11.61 2.91
N GLY A 92 -20.38 -11.81 2.78
CA GLY A 92 -19.39 -10.83 3.24
C GLY A 92 -19.55 -9.44 2.62
N ALA A 93 -18.96 -8.45 3.27
CA ALA A 93 -19.03 -7.07 2.79
C ALA A 93 -18.13 -6.87 1.56
N ILE A 94 -18.60 -6.08 0.61
CA ILE A 94 -17.90 -5.86 -0.66
C ILE A 94 -17.37 -4.43 -0.75
N ASP A 95 -16.07 -4.26 -0.94
CA ASP A 95 -15.46 -2.94 -1.05
C ASP A 95 -15.68 -2.28 -2.40
N ILE A 96 -15.92 -0.98 -2.37
CA ILE A 96 -15.79 -0.10 -3.55
C ILE A 96 -14.92 1.08 -3.16
N VAL A 97 -14.42 1.80 -4.15
CA VAL A 97 -13.80 3.09 -3.91
C VAL A 97 -14.88 4.14 -4.12
N GLU A 98 -15.18 4.92 -3.10
CA GLU A 98 -16.19 5.96 -3.17
C GLU A 98 -15.56 7.30 -2.80
N ASN A 99 -15.57 8.23 -3.75
CA ASN A 99 -14.90 9.53 -3.59
C ASN A 99 -13.50 9.40 -2.98
N GLY A 100 -12.72 8.48 -3.54
CA GLY A 100 -11.34 8.26 -3.11
C GLY A 100 -11.11 7.46 -1.83
N ARG A 101 -12.18 7.17 -1.08
CA ARG A 101 -12.09 6.36 0.13
C ARG A 101 -12.66 4.96 -0.13
N LEU A 102 -12.04 3.94 0.44
CA LEU A 102 -12.61 2.60 0.38
C LEU A 102 -13.85 2.59 1.26
N LYS A 103 -14.90 1.95 0.78
CA LYS A 103 -16.15 1.87 1.50
C LYS A 103 -16.75 0.50 1.27
N ALA A 104 -17.14 -0.16 2.35
CA ALA A 104 -17.69 -1.50 2.29
C ALA A 104 -19.20 -1.45 2.14
N LEU A 105 -19.73 -2.32 1.29
CA LEU A 105 -21.16 -2.39 1.03
C LEU A 105 -21.71 -3.70 1.61
N ASP A 106 -22.87 -3.61 2.25
CA ASP A 106 -23.55 -4.77 2.82
C ASP A 106 -24.87 -4.94 2.05
N PHE A 107 -24.86 -5.82 1.06
CA PHE A 107 -26.05 -6.16 0.31
C PHE A 107 -26.93 -7.09 1.13
N THR A 108 -28.22 -7.12 0.84
CA THR A 108 -29.12 -8.01 1.58
C THR A 108 -29.00 -9.44 1.04
N PHE A 109 -28.85 -10.40 1.93
CA PHE A 109 -28.63 -11.78 1.57
C PHE A 109 -29.71 -12.69 2.14
N ASN A 110 -30.23 -13.58 1.30
CA ASN A 110 -31.18 -14.61 1.72
C ASN A 110 -30.71 -16.00 1.32
N SER A 118 -31.17 -16.58 6.90
CA SER A 118 -30.10 -15.60 6.73
C SER A 118 -29.48 -15.25 8.08
N GLU A 119 -30.25 -14.53 8.91
CA GLU A 119 -30.01 -14.38 10.37
C GLU A 119 -28.58 -14.06 10.84
N LEU A 120 -27.80 -15.09 11.22
CA LEU A 120 -26.49 -14.89 11.82
C LEU A 120 -25.53 -14.20 10.87
N ASP A 121 -25.49 -14.70 9.64
CA ASP A 121 -24.63 -14.15 8.58
C ASP A 121 -24.89 -12.65 8.36
N ASN A 122 -26.17 -12.29 8.29
CA ASN A 122 -26.55 -10.88 8.12
C ASN A 122 -25.98 -10.00 9.24
N ALA A 123 -26.01 -10.52 10.45
CA ALA A 123 -25.44 -9.82 11.59
C ALA A 123 -23.91 -9.81 11.52
N VAL A 124 -23.31 -10.97 11.22
CA VAL A 124 -21.83 -11.12 11.21
C VAL A 124 -21.09 -9.87 10.73
N ASN A 125 -21.56 -9.30 9.62
CA ASN A 125 -20.93 -8.11 9.06
C ASN A 125 -21.02 -6.88 9.97
N SER A 126 -22.16 -6.69 10.61
CA SER A 126 -22.35 -5.56 11.52
C SER A 126 -21.39 -5.65 12.70
N LYS A 127 -21.36 -6.83 13.33
CA LYS A 127 -20.45 -7.07 14.46
C LYS A 127 -19.04 -6.74 14.04
N LEU A 128 -18.63 -7.34 12.91
CA LEU A 128 -17.27 -7.22 12.43
C LEU A 128 -16.86 -5.78 12.22
N PHE A 129 -17.72 -5.02 11.56
CA PHE A 129 -17.43 -3.63 11.21
C PHE A 129 -17.58 -2.69 12.40
N LYS A 130 -18.54 -2.97 13.26
CA LYS A 130 -18.74 -2.19 14.48
C LYS A 130 -17.58 -2.41 15.47
N GLU A 131 -17.23 -3.68 15.70
CA GLU A 131 -16.28 -4.04 16.75
C GLU A 131 -14.82 -4.01 16.32
N LYS A 132 -14.49 -4.73 15.24
CA LYS A 132 -13.08 -4.80 14.83
C LYS A 132 -12.62 -3.60 14.01
N PHE A 133 -13.21 -3.40 12.84
CA PHE A 133 -12.77 -2.33 11.93
C PHE A 133 -13.21 -0.94 12.42
N LYS A 134 -14.30 -0.88 13.17
CA LYS A 134 -14.85 0.38 13.70
C LYS A 134 -15.06 1.36 12.55
N GLU A 135 -15.98 0.98 11.67
CA GLU A 135 -16.11 1.58 10.37
C GLU A 135 -17.59 1.58 9.98
N GLU A 136 -17.99 2.56 9.16
CA GLU A 136 -19.37 2.61 8.67
C GLU A 136 -19.58 1.50 7.66
N LEU A 137 -20.74 0.86 7.71
CA LEU A 137 -21.07 -0.24 6.82
C LEU A 137 -22.32 0.13 6.02
N LYS A 138 -22.12 0.61 4.80
CA LYS A 138 -23.23 1.08 3.98
C LYS A 138 -24.14 -0.06 3.51
N LYS A 139 -25.37 -0.09 4.01
CA LYS A 139 -26.34 -1.10 3.62
C LYS A 139 -26.96 -0.72 2.27
N VAL A 140 -26.96 -1.66 1.33
CA VAL A 140 -27.61 -1.47 0.05
C VAL A 140 -28.78 -2.45 -0.03
N ASP A 141 -29.98 -1.93 -0.27
CA ASP A 141 -31.15 -2.80 -0.38
C ASP A 141 -31.22 -3.41 -1.78
N PHE A 142 -30.54 -4.54 -1.93
CA PHE A 142 -30.46 -5.23 -3.21
C PHE A 142 -29.93 -6.63 -2.93
N ILE A 143 -30.49 -7.64 -3.59
CA ILE A 143 -30.07 -9.03 -3.39
C ILE A 143 -28.87 -9.35 -4.27
N LEU A 144 -27.73 -9.66 -3.64
CA LEU A 144 -26.51 -9.93 -4.39
C LEU A 144 -25.49 -10.69 -3.55
N GLU A 145 -24.98 -11.79 -4.09
CA GLU A 145 -23.88 -12.54 -3.48
C GLU A 145 -22.58 -12.14 -4.15
N GLY A 146 -21.48 -12.15 -3.40
CA GLY A 146 -20.16 -11.79 -3.92
C GLY A 146 -19.69 -12.67 -5.06
N GLY A 147 -20.01 -13.97 -4.98
CA GLY A 147 -19.68 -14.92 -6.04
C GLY A 147 -20.45 -14.75 -7.34
N SER A 148 -21.47 -13.90 -7.36
CA SER A 148 -22.26 -13.70 -8.58
C SER A 148 -21.74 -12.58 -9.49
N ILE A 149 -20.70 -11.87 -9.07
CA ILE A 149 -20.12 -10.77 -9.86
C ILE A 149 -18.59 -10.84 -9.89
N ASP A 150 -18.00 -10.30 -10.97
CA ASP A 150 -16.55 -10.30 -11.16
C ASP A 150 -16.14 -9.02 -11.93
N PHE A 151 -15.12 -8.31 -11.45
CA PHE A 151 -14.74 -7.00 -12.01
C PHE A 151 -13.36 -7.00 -12.64
N ASN A 152 -13.18 -6.23 -13.71
CA ASN A 152 -11.88 -6.08 -14.33
C ASN A 152 -11.15 -4.82 -13.86
N GLY A 153 -11.84 -3.99 -13.07
CA GLY A 153 -11.29 -2.73 -12.58
C GLY A 153 -11.22 -1.59 -13.59
N GLU A 154 -11.89 -1.73 -14.72
CA GLU A 154 -11.94 -0.68 -15.74
C GLU A 154 -13.40 -0.35 -16.06
N GLY A 155 -14.30 -0.63 -15.12
CA GLY A 155 -15.72 -0.34 -15.30
C GLY A 155 -16.52 -1.48 -15.90
N VAL A 156 -15.90 -2.63 -16.12
CA VAL A 156 -16.61 -3.76 -16.67
C VAL A 156 -16.87 -4.79 -15.58
N MET A 157 -18.08 -5.37 -15.59
CA MET A 157 -18.44 -6.44 -14.67
C MET A 157 -18.99 -7.63 -15.41
N LEU A 158 -18.64 -8.81 -14.93
CA LEU A 158 -19.05 -10.08 -15.52
C LEU A 158 -20.06 -10.70 -14.57
N THR A 159 -21.14 -11.26 -15.12
CA THR A 159 -22.17 -11.90 -14.31
C THR A 159 -23.00 -12.86 -15.16
N SER A 160 -23.77 -13.72 -14.49
CA SER A 160 -24.64 -14.66 -15.17
C SER A 160 -26.10 -14.19 -15.11
N SER A 161 -26.77 -14.23 -16.26
CA SER A 161 -28.20 -13.93 -16.35
C SER A 161 -29.06 -14.78 -15.42
N HIS A 162 -28.62 -16.01 -15.17
CA HIS A 162 -29.36 -16.94 -14.33
C HIS A 162 -29.34 -16.55 -12.85
N CYS A 163 -28.32 -15.82 -12.42
CA CYS A 163 -28.18 -15.42 -11.02
C CYS A 163 -29.12 -14.27 -10.63
N LEU A 164 -28.80 -13.08 -11.12
CA LEU A 164 -29.36 -11.84 -10.57
C LEU A 164 -30.81 -11.59 -10.95
N LEU A 165 -31.23 -12.12 -12.09
CA LEU A 165 -32.61 -12.01 -12.55
C LEU A 165 -33.52 -12.92 -11.73
N ASN A 166 -32.98 -14.07 -11.33
CA ASN A 166 -33.69 -14.99 -10.45
C ASN A 166 -33.81 -14.46 -9.03
N GLU A 167 -32.71 -13.94 -8.49
CA GLU A 167 -32.65 -13.50 -7.08
C GLU A 167 -33.55 -12.29 -6.79
N ASN A 168 -33.58 -11.34 -7.72
CA ASN A 168 -34.38 -10.12 -7.57
C ASN A 168 -35.69 -10.24 -8.35
N LEU A 173 -38.16 -4.32 -11.89
CA LEU A 173 -37.50 -5.62 -11.90
C LEU A 173 -37.17 -6.10 -13.32
N ASN A 174 -36.99 -5.16 -14.24
CA ASN A 174 -36.43 -5.47 -15.57
C ASN A 174 -34.96 -5.84 -15.45
N LYS A 175 -34.43 -6.56 -16.44
CA LYS A 175 -32.98 -6.72 -16.55
C LYS A 175 -32.34 -5.36 -16.84
N THR A 176 -32.96 -4.57 -17.72
CA THR A 176 -32.49 -3.21 -18.02
C THR A 176 -32.39 -2.36 -16.74
N GLN A 177 -33.36 -2.54 -15.85
CA GLN A 177 -33.38 -1.83 -14.58
C GLN A 177 -32.31 -2.36 -13.63
N ILE A 178 -32.19 -3.67 -13.55
CA ILE A 178 -31.16 -4.32 -12.74
C ILE A 178 -29.78 -3.96 -13.27
N ASP A 179 -29.63 -4.00 -14.59
CA ASP A 179 -28.42 -3.56 -15.27
C ASP A 179 -28.09 -2.11 -14.86
N THR A 180 -29.06 -1.21 -15.01
CA THR A 180 -28.87 0.22 -14.67
C THR A 180 -28.54 0.40 -13.19
N LYS A 181 -29.25 -0.30 -12.32
CA LYS A 181 -29.00 -0.20 -10.88
C LYS A 181 -27.60 -0.67 -10.54
N LEU A 182 -27.19 -1.81 -11.08
CA LEU A 182 -25.87 -2.36 -10.82
C LEU A 182 -24.74 -1.46 -11.32
N LYS A 183 -24.95 -0.84 -12.48
CA LYS A 183 -24.00 0.11 -13.02
C LYS A 183 -23.83 1.32 -12.13
N GLU A 184 -24.94 1.76 -11.53
CA GLU A 184 -24.92 2.92 -10.64
C GLU A 184 -24.22 2.61 -9.32
N ILE A 185 -24.49 1.42 -8.78
CA ILE A 185 -23.88 0.98 -7.53
C ILE A 185 -22.36 0.83 -7.64
N PHE A 186 -21.90 0.26 -8.76
CA PHE A 186 -20.47 -0.06 -8.91
C PHE A 186 -19.73 0.89 -9.86
N GLY A 187 -20.40 1.95 -10.32
CA GLY A 187 -19.78 2.91 -11.23
C GLY A 187 -19.32 2.29 -12.54
N LEU A 188 -20.13 1.40 -13.08
CA LEU A 188 -19.72 0.60 -14.24
C LEU A 188 -20.09 1.28 -15.56
N LYS A 189 -19.31 1.01 -16.59
CA LYS A 189 -19.68 1.38 -17.96
C LYS A 189 -20.27 0.21 -18.74
N GLN A 190 -20.05 -1.03 -18.27
CA GLN A 190 -20.50 -2.20 -19.01
C GLN A 190 -20.72 -3.41 -18.10
N ILE A 191 -21.80 -4.15 -18.38
CA ILE A 191 -22.03 -5.45 -17.76
C ILE A 191 -22.16 -6.51 -18.84
N ILE A 192 -21.37 -7.55 -18.71
CA ILE A 192 -21.44 -8.71 -19.59
C ILE A 192 -22.33 -9.74 -18.91
N TRP A 193 -23.51 -9.96 -19.49
CA TRP A 193 -24.48 -10.91 -18.99
C TRP A 193 -24.31 -12.24 -19.72
N LEU A 194 -23.75 -13.24 -19.05
CA LEU A 194 -23.56 -14.55 -19.67
C LEU A 194 -24.80 -15.43 -19.54
N GLU A 195 -25.30 -15.90 -20.69
CA GLU A 195 -26.48 -16.77 -20.74
C GLU A 195 -26.13 -18.23 -20.49
N ASN A 196 -25.01 -18.68 -21.08
CA ASN A 196 -24.69 -20.10 -21.14
C ASN A 196 -23.67 -20.59 -20.13
N GLY A 197 -23.64 -21.92 -19.99
CA GLY A 197 -22.65 -22.62 -19.19
C GLY A 197 -23.12 -22.81 -17.77
N PHE A 198 -22.60 -23.84 -17.11
CA PHE A 198 -22.75 -23.99 -15.66
C PHE A 198 -21.83 -25.07 -15.10
N ILE A 199 -21.82 -25.21 -13.78
CA ILE A 199 -21.05 -26.25 -13.07
C ILE A 199 -21.75 -26.55 -11.74
N ASP A 205 -27.25 -21.67 -5.39
CA ASP A 205 -26.89 -20.37 -5.94
C ASP A 205 -25.96 -20.51 -7.15
N HIS A 206 -26.46 -20.10 -8.32
CA HIS A 206 -25.67 -20.04 -9.54
C HIS A 206 -24.64 -18.91 -9.38
N HIS A 207 -23.40 -19.12 -9.80
CA HIS A 207 -22.33 -18.13 -9.58
C HIS A 207 -21.35 -18.02 -10.73
N ILE A 208 -21.10 -16.78 -11.16
CA ILE A 208 -20.12 -16.51 -12.21
C ILE A 208 -18.71 -16.96 -11.82
N ASP A 209 -18.40 -16.98 -10.52
CA ASP A 209 -17.07 -17.38 -10.07
C ASP A 209 -16.83 -18.90 -10.16
N THR A 210 -17.79 -19.67 -10.67
CA THR A 210 -17.56 -21.07 -11.02
C THR A 210 -17.31 -21.23 -12.52
N LEU A 211 -17.50 -20.17 -13.29
CA LEU A 211 -17.48 -20.24 -14.74
C LEU A 211 -16.40 -19.39 -15.41
N ALA A 212 -16.28 -18.13 -14.98
CA ALA A 212 -15.44 -17.17 -15.68
C ALA A 212 -15.01 -16.03 -14.77
N ARG A 213 -13.77 -15.58 -14.94
CA ARG A 213 -13.14 -14.62 -14.06
C ARG A 213 -12.14 -13.77 -14.85
N PHE A 214 -12.12 -12.47 -14.61
CA PHE A 214 -11.00 -11.65 -15.05
C PHE A 214 -9.74 -12.01 -14.25
N ILE A 215 -8.63 -12.13 -14.96
CA ILE A 215 -7.33 -12.32 -14.31
C ILE A 215 -6.40 -11.10 -14.51
N ASP A 216 -6.69 -10.30 -15.54
CA ASP A 216 -6.17 -8.94 -15.62
C ASP A 216 -7.21 -8.10 -16.36
N LYS A 217 -6.93 -6.82 -16.57
CA LYS A 217 -7.93 -5.92 -17.17
C LYS A 217 -8.34 -6.33 -18.59
N ASN A 218 -7.49 -7.11 -19.26
CA ASN A 218 -7.75 -7.51 -20.64
C ASN A 218 -8.12 -8.98 -20.84
N THR A 219 -8.19 -9.77 -19.77
CA THR A 219 -8.22 -11.23 -19.93
C THR A 219 -9.24 -11.92 -19.04
N ILE A 220 -9.98 -12.85 -19.63
CA ILE A 220 -10.95 -13.67 -18.92
C ILE A 220 -10.54 -15.13 -18.97
N ALA A 221 -10.43 -15.74 -17.79
CA ALA A 221 -10.20 -17.16 -17.67
C ALA A 221 -11.54 -17.82 -17.46
N HIS A 222 -11.81 -18.90 -18.19
CA HIS A 222 -13.15 -19.50 -18.19
C HIS A 222 -13.12 -21.03 -18.33
N CYS A 223 -14.07 -21.67 -17.69
CA CYS A 223 -14.21 -23.12 -17.75
C CYS A 223 -14.47 -23.59 -19.16
N ILE A 224 -13.92 -24.74 -19.48
CA ILE A 224 -14.20 -25.41 -20.76
C ILE A 224 -14.23 -26.90 -20.47
N CYS A 225 -14.85 -27.65 -21.37
CA CYS A 225 -14.89 -29.11 -21.26
C CYS A 225 -14.50 -29.72 -22.60
N GLU A 226 -13.54 -30.64 -22.57
CA GLU A 226 -12.97 -31.25 -23.78
C GLU A 226 -13.66 -32.57 -24.17
N ASP A 227 -14.35 -33.22 -23.23
CA ASP A 227 -15.04 -34.48 -23.48
C ASP A 227 -16.45 -34.24 -23.99
N GLU A 228 -16.70 -34.63 -25.24
CA GLU A 228 -18.02 -34.45 -25.87
C GLU A 228 -19.12 -35.22 -25.15
N GLU A 229 -18.77 -36.35 -24.54
CA GLU A 229 -19.75 -37.16 -23.80
C GLU A 229 -20.28 -36.45 -22.55
N ASP A 230 -19.47 -35.55 -21.98
CA ASP A 230 -19.82 -34.90 -20.70
C ASP A 230 -20.95 -33.90 -20.88
N GLU A 231 -21.85 -33.85 -19.90
CA GLU A 231 -23.01 -32.94 -19.95
C GLU A 231 -22.63 -31.46 -19.94
N HIS A 232 -21.43 -31.16 -19.47
CA HIS A 232 -20.90 -29.78 -19.49
C HIS A 232 -20.43 -29.32 -20.86
N TYR A 233 -20.26 -30.25 -21.80
CA TYR A 233 -19.60 -29.91 -23.07
C TYR A 233 -20.27 -28.75 -23.83
N LEU A 234 -21.56 -28.89 -24.13
CA LEU A 234 -22.26 -27.90 -24.96
C LEU A 234 -22.57 -26.58 -24.26
N PRO A 235 -23.02 -26.62 -22.99
CA PRO A 235 -23.17 -25.37 -22.24
C PRO A 235 -21.89 -24.55 -22.18
N LEU A 236 -20.76 -25.20 -21.92
CA LEU A 236 -19.48 -24.52 -21.86
C LEU A 236 -18.97 -24.12 -23.24
N GLN A 237 -19.26 -24.92 -24.26
CA GLN A 237 -18.95 -24.51 -25.63
C GLN A 237 -19.74 -23.26 -26.03
N LYS A 238 -21.01 -23.20 -25.65
CA LYS A 238 -21.84 -22.02 -25.92
C LYS A 238 -21.34 -20.79 -25.13
N MET A 239 -21.01 -21.00 -23.86
CA MET A 239 -20.41 -19.95 -23.05
C MET A 239 -19.13 -19.42 -23.71
N LYS A 240 -18.31 -20.32 -24.24
CA LYS A 240 -17.09 -19.92 -24.94
C LYS A 240 -17.40 -18.97 -26.09
N GLU A 241 -18.40 -19.32 -26.90
CA GLU A 241 -18.78 -18.49 -28.05
C GLU A 241 -19.23 -17.09 -27.63
N GLU A 242 -20.06 -17.03 -26.58
CA GLU A 242 -20.43 -15.75 -25.97
C GLU A 242 -19.22 -14.92 -25.59
N LEU A 243 -18.27 -15.55 -24.91
CA LEU A 243 -17.08 -14.85 -24.44
C LEU A 243 -16.20 -14.39 -25.59
N LYS A 244 -16.23 -15.10 -26.71
CA LYS A 244 -15.49 -14.69 -27.90
C LYS A 244 -16.02 -13.38 -28.49
N LYS A 245 -17.30 -13.09 -28.25
CA LYS A 245 -17.90 -11.82 -28.73
C LYS A 245 -17.49 -10.59 -27.93
N THR A 246 -16.98 -10.77 -26.71
CA THR A 246 -16.66 -9.64 -25.83
C THR A 246 -15.39 -8.88 -26.26
N GLY A 247 -14.50 -9.56 -27.00
CA GLY A 247 -13.22 -8.97 -27.38
C GLY A 247 -12.09 -9.14 -26.36
N PHE A 248 -12.41 -9.64 -25.17
CA PHE A 248 -11.36 -9.90 -24.19
C PHE A 248 -10.55 -11.12 -24.58
N ASP A 249 -9.27 -11.12 -24.21
CA ASP A 249 -8.45 -12.31 -24.38
C ASP A 249 -9.00 -13.41 -23.48
N LEU A 250 -8.95 -14.65 -23.97
CA LEU A 250 -9.53 -15.79 -23.26
C LEU A 250 -8.47 -16.81 -22.90
N LEU A 251 -8.56 -17.33 -21.68
CA LEU A 251 -7.68 -18.38 -21.19
C LEU A 251 -8.56 -19.52 -20.69
N GLU A 252 -8.30 -20.74 -21.13
CA GLU A 252 -9.22 -21.85 -20.85
C GLU A 252 -8.85 -22.62 -19.60
N LEU A 253 -9.87 -23.04 -18.86
CA LEU A 253 -9.70 -23.81 -17.65
C LEU A 253 -10.48 -25.11 -17.81
N PRO A 254 -9.84 -26.15 -18.39
CA PRO A 254 -10.55 -27.41 -18.64
C PRO A 254 -10.94 -28.10 -17.35
N ILE A 255 -12.22 -28.43 -17.20
CA ILE A 255 -12.69 -29.06 -15.97
C ILE A 255 -12.03 -30.44 -15.80
N PRO A 256 -11.83 -30.86 -14.55
CA PRO A 256 -11.21 -32.16 -14.34
C PRO A 256 -12.18 -33.29 -14.69
N LYS A 257 -11.69 -34.53 -14.66
CA LYS A 257 -12.57 -35.67 -14.82
C LYS A 257 -13.54 -35.69 -13.63
N PRO A 258 -14.73 -36.28 -13.83
CA PRO A 258 -15.74 -36.35 -12.77
C PRO A 258 -15.21 -36.81 -11.41
N LEU A 259 -15.51 -36.04 -10.36
CA LEU A 259 -15.19 -36.41 -8.97
C LEU A 259 -16.48 -36.69 -8.23
N TYR A 260 -16.43 -37.58 -7.25
CA TYR A 260 -17.64 -38.05 -6.57
C TYR A 260 -17.49 -38.15 -5.06
N TYR A 261 -18.55 -37.82 -4.34
CA TYR A 261 -18.66 -38.15 -2.92
C TYR A 261 -20.03 -38.76 -2.68
N GLU A 262 -20.03 -40.01 -2.23
CA GLU A 262 -21.26 -40.77 -2.00
C GLU A 262 -22.16 -40.76 -3.23
N GLU A 263 -21.57 -41.07 -4.38
CA GLU A 263 -22.29 -41.22 -5.65
C GLU A 263 -22.82 -39.91 -6.24
N ARG A 264 -22.40 -38.76 -5.70
CA ARG A 264 -22.86 -37.45 -6.17
C ARG A 264 -21.71 -36.73 -6.87
N ARG A 265 -21.94 -36.26 -8.10
CA ARG A 265 -20.90 -35.55 -8.86
C ARG A 265 -20.63 -34.15 -8.32
N LEU A 266 -19.39 -33.91 -7.92
CA LEU A 266 -18.98 -32.65 -7.30
C LEU A 266 -18.63 -31.60 -8.35
N GLY A 267 -19.02 -30.35 -8.09
CA GLY A 267 -18.82 -29.26 -9.02
C GLY A 267 -17.41 -28.70 -8.98
N ALA A 268 -16.45 -29.52 -9.41
CA ALA A 268 -15.05 -29.12 -9.39
C ALA A 268 -14.79 -28.13 -10.52
N THR A 269 -14.23 -26.97 -10.18
CA THR A 269 -13.98 -25.91 -11.14
C THR A 269 -12.70 -25.15 -10.77
N TYR A 270 -11.90 -24.84 -11.78
CA TYR A 270 -10.65 -24.12 -11.56
C TYR A 270 -10.86 -22.61 -11.54
N ALA A 271 -12.05 -22.15 -11.90
CA ALA A 271 -12.38 -20.72 -11.89
C ALA A 271 -12.53 -20.15 -10.46
N ASN A 272 -12.73 -21.02 -9.48
CA ASN A 272 -12.91 -20.59 -8.08
C ASN A 272 -11.58 -20.33 -7.37
N PHE A 273 -10.64 -19.70 -8.07
CA PHE A 273 -9.38 -19.27 -7.48
C PHE A 273 -9.56 -17.96 -6.71
N VAL A 274 -8.51 -17.52 -6.01
CA VAL A 274 -8.57 -16.26 -5.29
C VAL A 274 -7.26 -15.50 -5.40
N PHE A 275 -7.34 -14.24 -5.81
CA PHE A 275 -6.18 -13.37 -5.82
C PHE A 275 -5.90 -12.86 -4.41
N ILE A 276 -4.62 -12.83 -4.06
CA ILE A 276 -4.14 -12.19 -2.84
C ILE A 276 -2.86 -11.48 -3.22
N ASN A 277 -2.25 -10.76 -2.27
CA ASN A 277 -1.06 -9.99 -2.59
C ASN A 277 0.05 -10.88 -3.13
N ASN A 278 0.48 -10.60 -4.37
CA ASN A 278 1.58 -11.31 -5.02
C ASN A 278 1.32 -12.78 -5.34
N ALA A 279 0.07 -13.22 -5.23
CA ALA A 279 -0.24 -14.61 -5.50
C ALA A 279 -1.66 -14.84 -5.96
N LEU A 280 -1.82 -15.98 -6.63
CA LEU A 280 -3.11 -16.48 -7.06
C LEU A 280 -3.24 -17.90 -6.54
N ILE A 281 -4.22 -18.12 -5.68
CA ILE A 281 -4.39 -19.43 -5.06
C ILE A 281 -5.45 -20.18 -5.86
N VAL A 282 -5.05 -21.30 -6.45
CA VAL A 282 -5.93 -22.06 -7.35
C VAL A 282 -6.33 -23.38 -6.73
N PRO A 283 -7.59 -23.80 -6.93
CA PRO A 283 -7.99 -25.10 -6.42
C PRO A 283 -7.36 -26.24 -7.23
N PHE A 284 -6.82 -27.23 -6.52
CA PHE A 284 -6.34 -28.47 -7.11
C PHE A 284 -7.31 -29.58 -6.71
N TYR A 285 -7.52 -30.53 -7.60
CA TYR A 285 -8.47 -31.64 -7.38
C TYR A 285 -7.82 -33.02 -7.59
N LYS A 286 -6.49 -33.04 -7.66
CA LYS A 286 -5.71 -34.26 -7.93
C LYS A 286 -6.07 -34.88 -9.28
N ASP A 287 -6.00 -34.05 -10.30
CA ASP A 287 -6.29 -34.40 -11.68
C ASP A 287 -5.19 -33.77 -12.51
N LYS A 288 -4.88 -34.37 -13.66
CA LYS A 288 -3.81 -33.86 -14.53
C LYS A 288 -4.01 -32.41 -14.94
N ASN A 289 -5.25 -31.94 -14.93
CA ASN A 289 -5.55 -30.56 -15.30
C ASN A 289 -5.09 -29.53 -14.27
N ASP A 290 -4.85 -29.96 -13.03
CA ASP A 290 -4.24 -29.10 -12.00
C ASP A 290 -2.97 -28.46 -12.56
N GLU A 291 -2.13 -29.30 -13.13
CA GLU A 291 -0.86 -28.85 -13.68
C GLU A 291 -1.07 -27.97 -14.90
N ILE A 292 -2.03 -28.33 -15.74
CA ILE A 292 -2.28 -27.57 -16.97
C ILE A 292 -2.75 -26.15 -16.65
N ILE A 293 -3.70 -26.03 -15.72
CA ILE A 293 -4.26 -24.71 -15.41
C ILE A 293 -3.24 -23.84 -14.65
N ALA A 294 -2.43 -24.46 -13.79
CA ALA A 294 -1.42 -23.73 -13.03
C ALA A 294 -0.33 -23.14 -13.94
N LYS A 295 0.14 -23.93 -14.90
CA LYS A 295 1.15 -23.44 -15.85
C LYS A 295 0.57 -22.34 -16.74
N ARG A 296 -0.66 -22.55 -17.21
CA ARG A 296 -1.35 -21.60 -18.07
C ARG A 296 -1.58 -20.27 -17.36
N LEU A 297 -2.16 -20.32 -16.15
CA LEU A 297 -2.40 -19.11 -15.38
C LEU A 297 -1.09 -18.41 -14.97
N SER A 298 -0.10 -19.20 -14.61
CA SER A 298 1.20 -18.72 -14.19
C SER A 298 1.90 -17.92 -15.30
N LYS A 299 1.93 -18.48 -16.50
CA LYS A 299 2.52 -17.78 -17.65
C LYS A 299 1.79 -16.47 -17.95
N ALA A 300 0.47 -16.47 -17.82
CA ALA A 300 -0.36 -15.30 -18.10
C ALA A 300 -0.31 -14.25 -16.99
N LEU A 301 0.23 -14.61 -15.83
CA LEU A 301 0.34 -13.70 -14.71
C LEU A 301 1.79 -13.62 -14.20
N PRO A 302 2.68 -12.97 -14.97
CA PRO A 302 4.13 -13.02 -14.71
C PRO A 302 4.62 -12.45 -13.39
N ASN A 303 3.76 -11.73 -12.66
CA ASN A 303 4.15 -11.14 -11.37
C ASN A 303 3.39 -11.73 -10.19
N HIS A 304 2.83 -12.93 -10.38
CA HIS A 304 2.13 -13.63 -9.32
C HIS A 304 2.73 -15.02 -9.14
N LYS A 305 2.75 -15.49 -7.91
CA LYS A 305 3.03 -16.89 -7.64
C LYS A 305 1.69 -17.61 -7.68
N ILE A 306 1.59 -18.66 -8.48
CA ILE A 306 0.35 -19.44 -8.58
C ILE A 306 0.54 -20.68 -7.72
N ILE A 307 -0.34 -20.87 -6.73
CA ILE A 307 -0.17 -21.95 -5.75
C ILE A 307 -1.43 -22.80 -5.67
N GLY A 308 -1.28 -24.10 -5.90
CA GLY A 308 -2.40 -25.02 -5.86
C GLY A 308 -2.70 -25.47 -4.45
N VAL A 309 -3.97 -25.46 -4.07
CA VAL A 309 -4.40 -25.95 -2.76
C VAL A 309 -5.48 -26.98 -2.99
N ASP A 310 -5.28 -28.17 -2.42
CA ASP A 310 -6.23 -29.27 -2.53
C ASP A 310 -7.59 -28.80 -2.06
N ALA A 311 -8.57 -28.76 -2.98
CA ALA A 311 -9.89 -28.20 -2.68
C ALA A 311 -11.01 -29.23 -2.67
N ARG A 312 -10.65 -30.52 -2.72
CA ARG A 312 -11.64 -31.59 -2.85
C ARG A 312 -12.67 -31.63 -1.73
N VAL A 313 -12.23 -31.43 -0.50
CA VAL A 313 -13.11 -31.53 0.67
C VAL A 313 -14.15 -30.41 0.64
N PHE A 314 -13.71 -29.21 0.24
CA PHE A 314 -14.61 -28.05 0.09
C PHE A 314 -15.83 -28.37 -0.77
N LEU A 315 -15.62 -29.14 -1.84
CA LEU A 315 -16.69 -29.45 -2.80
C LEU A 315 -17.86 -30.25 -2.21
N ARG A 316 -17.63 -30.94 -1.09
CA ARG A 316 -18.70 -31.69 -0.42
C ARG A 316 -19.89 -30.80 -0.05
N GLN A 317 -19.62 -29.53 0.27
CA GLN A 317 -20.69 -28.54 0.52
C GLN A 317 -20.86 -27.53 -0.62
N ASN A 318 -20.55 -27.97 -1.84
CA ASN A 318 -20.85 -27.22 -3.08
C ASN A 318 -20.16 -25.86 -3.23
N GLY A 319 -18.91 -25.77 -2.80
CA GLY A 319 -18.11 -24.58 -3.02
C GLY A 319 -16.64 -24.92 -3.06
N SER A 320 -15.83 -23.94 -3.42
CA SER A 320 -14.38 -24.15 -3.48
C SER A 320 -13.70 -22.93 -2.87
N LEU A 321 -12.43 -22.70 -3.17
CA LEU A 321 -11.61 -21.72 -2.45
C LEU A 321 -12.21 -20.32 -2.44
N HIS A 322 -12.61 -19.81 -3.61
CA HIS A 322 -13.14 -18.44 -3.73
C HIS A 322 -14.41 -18.25 -2.91
N CYS A 323 -15.29 -19.25 -2.92
CA CYS A 323 -16.55 -19.22 -2.17
C CYS A 323 -16.34 -19.12 -0.65
N SER A 324 -15.22 -19.66 -0.17
CA SER A 324 -14.94 -19.71 1.26
C SER A 324 -14.22 -18.48 1.82
N CYS A 325 -14.02 -17.44 1.03
CA CYS A 325 -13.27 -16.29 1.51
C CYS A 325 -13.78 -14.98 0.95
N GLN A 326 -13.37 -13.89 1.58
CA GLN A 326 -13.69 -12.57 1.08
C GLN A 326 -12.46 -11.67 1.24
N ASN A 327 -12.27 -10.78 0.28
CA ASN A 327 -11.12 -9.90 0.27
C ASN A 327 -11.49 -8.56 0.88
N ARG A 328 -10.59 -7.99 1.67
CA ARG A 328 -10.75 -6.64 2.20
C ARG A 328 -9.54 -5.87 1.73
N PHE A 329 -9.77 -4.82 0.94
CA PHE A 329 -8.69 -4.17 0.23
C PHE A 329 -7.97 -3.12 1.09
N LYS A 330 -6.75 -2.83 0.69
CA LYS A 330 -5.89 -1.88 1.39
C LYS A 330 -6.08 -0.48 0.84
N GLY A 331 -6.13 0.51 1.74
CA GLY A 331 -6.21 1.91 1.35
C GLY A 331 -6.88 2.78 2.39
N LEU A 332 -7.00 4.07 2.06
CA LEU A 332 -7.64 5.03 2.96
C LEU A 332 -9.09 4.65 3.18
N ARG A 333 -9.49 4.61 4.44
CA ARG A 333 -10.86 4.38 4.83
C ARG A 333 -11.41 5.65 5.47
N GLU B 1 37.22 13.37 15.82
CA GLU B 1 38.13 12.19 15.63
C GLU B 1 38.52 12.00 14.17
N ASN B 2 39.80 11.72 13.93
CA ASN B 2 40.28 11.28 12.63
C ASN B 2 40.57 9.79 12.73
N LEU B 3 39.52 8.97 12.57
CA LEU B 3 39.60 7.52 12.77
C LEU B 3 39.52 6.76 11.46
N TYR B 4 40.48 5.86 11.25
CA TYR B 4 40.54 5.01 10.08
C TYR B 4 40.50 3.56 10.52
N PHE B 5 39.70 2.76 9.82
CA PHE B 5 39.57 1.34 10.14
C PHE B 5 39.50 0.54 8.85
N GLN B 6 40.48 -0.35 8.66
CA GLN B 6 40.58 -1.17 7.46
C GLN B 6 40.63 -0.35 6.16
N GLY B 7 41.35 0.76 6.20
CA GLY B 7 41.68 1.53 4.99
C GLY B 7 40.79 2.73 4.68
N HIS B 8 39.78 2.98 5.51
CA HIS B 8 38.83 4.06 5.23
C HIS B 8 38.41 4.85 6.48
N MET B 9 38.36 6.17 6.35
CA MET B 9 37.70 7.03 7.33
C MET B 9 36.37 7.48 6.73
N ILE B 10 35.31 7.36 7.51
CA ILE B 10 33.98 7.73 7.04
C ILE B 10 33.39 8.81 7.94
N LYS B 11 32.94 9.91 7.32
CA LYS B 11 32.26 10.99 8.03
C LYS B 11 30.85 11.18 7.50
N SER B 12 29.87 11.11 8.41
CA SER B 12 28.51 11.47 8.06
C SER B 12 28.45 12.99 7.92
N ILE B 13 27.50 13.47 7.12
CA ILE B 13 27.40 14.88 6.79
C ILE B 13 26.12 15.45 7.40
N PRO B 14 26.22 16.58 8.13
CA PRO B 14 25.02 17.24 8.62
C PRO B 14 24.45 18.13 7.52
N GLU B 15 23.14 18.37 7.54
CA GLU B 15 22.47 19.01 6.40
C GLU B 15 22.86 20.47 6.12
N TRP B 16 23.34 21.17 7.14
CA TRP B 16 23.83 22.54 6.97
C TRP B 16 25.23 22.63 6.33
N SER B 17 25.82 21.48 5.97
CA SER B 17 27.06 21.50 5.19
C SER B 17 26.79 22.08 3.82
N GLU B 18 27.83 22.63 3.20
CA GLU B 18 27.69 23.32 1.92
C GLU B 18 27.25 22.38 0.80
N GLN B 19 26.34 22.87 -0.05
CA GLN B 19 25.67 22.05 -1.04
C GLN B 19 25.91 22.51 -2.47
N GLU B 20 25.85 21.55 -3.39
CA GLU B 20 25.90 21.81 -4.81
C GLU B 20 24.48 22.00 -5.38
N TYR B 21 23.60 21.05 -5.05
CA TYR B 21 22.21 21.06 -5.51
C TYR B 21 21.21 20.71 -4.40
N LEU B 22 20.01 21.29 -4.50
CA LEU B 22 18.82 20.69 -3.90
C LEU B 22 18.06 20.03 -5.04
N MET B 23 17.76 18.74 -4.90
CA MET B 23 17.14 17.96 -5.97
C MET B 23 15.68 17.63 -5.64
N LEU B 24 14.81 17.79 -6.65
CA LEU B 24 13.38 17.48 -6.49
C LEU B 24 12.84 16.73 -7.71
N SER B 25 11.74 16.01 -7.48
CA SER B 25 11.03 15.25 -8.50
C SER B 25 9.62 15.82 -8.68
N LEU B 26 9.39 16.47 -9.82
CA LEU B 26 8.17 17.25 -10.06
C LEU B 26 6.89 16.40 -10.13
N PRO B 27 5.79 16.89 -9.54
CA PRO B 27 4.50 16.26 -9.81
C PRO B 27 4.14 16.34 -11.30
N HIS B 28 3.47 15.32 -11.80
CA HIS B 28 2.96 15.30 -13.17
C HIS B 28 1.71 14.41 -13.24
N GLU B 29 1.08 14.36 -14.41
CA GLU B 29 -0.28 13.84 -14.54
C GLU B 29 -0.40 12.34 -14.28
N LYS B 30 0.67 11.60 -14.52
CA LYS B 30 0.69 10.15 -14.25
C LYS B 30 1.06 9.83 -12.80
N SER B 31 0.90 10.79 -11.89
CA SER B 31 1.11 10.53 -10.46
C SER B 31 -0.19 10.71 -9.69
N ASP B 32 -0.14 10.40 -8.39
CA ASP B 32 -1.29 10.60 -7.49
C ASP B 32 -1.55 12.07 -7.18
N TRP B 33 -0.65 12.97 -7.63
CA TRP B 33 -0.90 14.40 -7.58
C TRP B 33 -1.96 14.89 -8.58
N ASN B 34 -2.27 14.07 -9.59
CA ASN B 34 -3.09 14.48 -10.72
C ASN B 34 -4.34 15.32 -10.37
N PRO B 35 -5.20 14.83 -9.46
CA PRO B 35 -6.44 15.57 -9.18
C PRO B 35 -6.27 17.05 -8.76
N TYR B 36 -5.19 17.37 -8.08
CA TYR B 36 -4.93 18.76 -7.68
C TYR B 36 -3.55 19.17 -8.15
N LEU B 37 -3.24 18.79 -9.39
CA LEU B 37 -1.91 18.95 -9.96
C LEU B 37 -1.47 20.42 -10.02
N GLU B 38 -2.41 21.31 -10.30
CA GLU B 38 -2.09 22.73 -10.40
C GLU B 38 -1.73 23.33 -9.05
N GLU B 39 -2.39 22.88 -7.98
CA GLU B 39 -2.11 23.37 -6.64
C GLU B 39 -0.71 22.99 -6.18
N ILE B 40 -0.38 21.70 -6.29
CA ILE B 40 0.95 21.23 -5.90
C ILE B 40 2.07 21.84 -6.76
N LEU B 41 1.86 21.92 -8.08
CA LEU B 41 2.86 22.55 -8.96
C LEU B 41 3.13 24.02 -8.61
N GLN B 42 2.09 24.73 -8.20
CA GLN B 42 2.22 26.11 -7.71
C GLN B 42 3.04 26.20 -6.41
N SER B 43 2.83 25.26 -5.49
CA SER B 43 3.63 25.19 -4.27
C SER B 43 5.09 24.85 -4.60
N TYR B 44 5.30 23.94 -5.53
CA TYR B 44 6.66 23.61 -5.99
C TYR B 44 7.35 24.83 -6.60
N LYS B 45 6.63 25.58 -7.42
CA LYS B 45 7.15 26.81 -8.02
C LYS B 45 7.62 27.78 -6.96
N GLU B 46 6.85 27.90 -5.89
CA GLU B 46 7.22 28.79 -4.80
C GLU B 46 8.44 28.24 -4.04
N PHE B 47 8.41 26.95 -3.71
CA PHE B 47 9.53 26.31 -3.02
C PHE B 47 10.83 26.46 -3.82
N VAL B 48 10.77 26.16 -5.12
CA VAL B 48 11.93 26.26 -6.01
C VAL B 48 12.44 27.69 -6.14
N LYS B 49 11.53 28.66 -6.31
CA LYS B 49 11.92 30.07 -6.38
C LYS B 49 12.73 30.49 -5.17
N VAL B 50 12.19 30.19 -3.99
CA VAL B 50 12.86 30.51 -2.73
C VAL B 50 14.25 29.87 -2.66
N VAL B 51 14.32 28.56 -2.91
CA VAL B 51 15.59 27.84 -2.80
C VAL B 51 16.61 28.34 -3.82
N SER B 52 16.17 28.60 -5.05
CA SER B 52 17.06 28.99 -6.15
C SER B 52 17.82 30.29 -5.91
N GLU B 53 17.36 31.10 -4.97
CA GLU B 53 18.08 32.32 -4.58
C GLU B 53 19.40 32.01 -3.86
N PHE B 54 19.51 30.81 -3.27
CA PHE B 54 20.65 30.45 -2.44
C PHE B 54 21.56 29.37 -3.02
N GLN B 55 21.00 28.45 -3.79
CA GLN B 55 21.82 27.43 -4.45
C GLN B 55 21.08 26.84 -5.63
N LYS B 56 21.78 26.02 -6.41
CA LYS B 56 21.19 25.40 -7.59
C LYS B 56 20.12 24.38 -7.26
N VAL B 57 19.13 24.28 -8.13
CA VAL B 57 18.06 23.30 -7.99
C VAL B 57 18.04 22.45 -9.24
N LEU B 58 17.98 21.14 -9.03
CA LEU B 58 17.84 20.18 -10.10
C LEU B 58 16.44 19.58 -10.06
N LEU B 59 15.68 19.78 -11.12
CA LEU B 59 14.31 19.24 -11.20
C LEU B 59 14.29 18.04 -12.11
N ILE B 60 13.67 16.97 -11.61
CA ILE B 60 13.59 15.70 -12.33
C ILE B 60 12.14 15.47 -12.77
N ALA B 61 11.95 15.22 -14.06
CA ALA B 61 10.60 15.01 -14.62
C ALA B 61 10.65 14.30 -15.99
N PRO B 62 9.59 13.55 -16.33
CA PRO B 62 9.59 12.72 -17.55
C PRO B 62 9.61 13.48 -18.87
N LYS B 63 8.93 14.62 -18.95
CA LYS B 63 8.76 15.35 -20.20
C LYS B 63 9.28 16.77 -20.09
N GLN B 64 9.83 17.28 -21.19
CA GLN B 64 10.30 18.66 -21.26
C GLN B 64 9.18 19.65 -20.93
N SER B 65 7.95 19.32 -21.29
CA SER B 65 6.78 20.17 -21.01
C SER B 65 6.58 20.38 -19.51
N ASP B 66 6.93 19.38 -18.71
CA ASP B 66 6.85 19.47 -17.25
C ASP B 66 7.75 20.58 -16.69
N PHE B 67 8.83 20.92 -17.39
CA PHE B 67 9.73 22.00 -16.96
C PHE B 67 9.25 23.39 -17.38
N GLU B 68 8.29 23.47 -18.30
CA GLU B 68 7.83 24.75 -18.85
C GLU B 68 7.48 25.77 -17.78
N ASN B 69 6.78 25.31 -16.73
CA ASN B 69 6.43 26.17 -15.59
C ASN B 69 7.61 26.75 -14.82
N PHE B 70 8.79 26.15 -14.94
CA PHE B 70 9.96 26.53 -14.15
C PHE B 70 11.12 27.06 -15.01
N LYS B 71 10.88 27.25 -16.30
CA LYS B 71 11.96 27.58 -17.25
C LYS B 71 12.58 28.98 -17.08
N ASP B 72 11.82 29.92 -16.51
CA ASP B 72 12.30 31.30 -16.34
C ASP B 72 13.05 31.55 -15.01
N ILE B 73 13.23 30.51 -14.20
CA ILE B 73 13.82 30.66 -12.87
C ILE B 73 15.34 30.47 -12.94
N LYS B 74 16.07 31.44 -12.40
CA LYS B 74 17.53 31.43 -12.46
C LYS B 74 18.14 30.30 -11.61
N ASN B 75 19.31 29.85 -12.06
CA ASN B 75 20.02 28.67 -11.56
C ASN B 75 19.18 27.45 -11.15
N VAL B 76 18.22 27.11 -12.00
CA VAL B 76 17.51 25.83 -11.93
C VAL B 76 17.90 25.02 -13.16
N GLU B 77 18.27 23.76 -12.96
CA GLU B 77 18.56 22.86 -14.06
C GLU B 77 17.52 21.75 -14.14
N PHE B 78 17.44 21.11 -15.30
CA PHE B 78 16.39 20.13 -15.57
C PHE B 78 17.00 18.81 -16.03
N PHE B 79 16.46 17.71 -15.52
CA PHE B 79 16.92 16.39 -15.93
C PHE B 79 15.75 15.50 -16.31
N LYS B 80 15.79 14.97 -17.53
CA LYS B 80 14.69 14.22 -18.10
C LYS B 80 14.78 12.75 -17.73
N CYS B 81 13.76 12.26 -17.03
CA CYS B 81 13.75 10.89 -16.53
C CYS B 81 12.34 10.52 -16.12
N ASP B 82 11.92 9.28 -16.40
CA ASP B 82 10.58 8.83 -16.05
C ASP B 82 10.48 8.57 -14.56
N THR B 83 9.40 9.09 -13.96
CA THR B 83 9.19 9.07 -12.52
C THR B 83 7.72 8.84 -12.22
N ASN B 84 7.45 8.44 -10.98
CA ASN B 84 6.10 8.49 -10.43
C ASN B 84 6.13 9.14 -9.05
N ASP B 85 6.79 8.45 -8.12
CA ASP B 85 7.01 8.93 -6.76
C ASP B 85 7.82 10.24 -6.74
N THR B 86 7.26 11.28 -6.13
CA THR B 86 7.94 12.58 -6.02
C THR B 86 8.76 12.72 -4.73
N TRP B 87 8.59 11.78 -3.81
CA TRP B 87 9.24 11.86 -2.49
C TRP B 87 10.69 11.39 -2.52
N ILE B 88 11.54 12.17 -3.16
CA ILE B 88 12.93 11.78 -3.44
C ILE B 88 13.77 11.56 -2.15
N ARG B 89 13.39 12.15 -1.04
CA ARG B 89 14.07 11.89 0.24
C ARG B 89 14.03 10.39 0.57
N ASP B 90 12.90 9.73 0.27
CA ASP B 90 12.75 8.30 0.52
C ASP B 90 13.73 7.40 -0.22
N PHE B 91 13.98 7.69 -1.49
CA PHE B 91 14.75 6.77 -2.32
C PHE B 91 16.05 7.33 -2.88
N GLY B 92 16.27 8.63 -2.73
CA GLY B 92 17.43 9.28 -3.36
C GLY B 92 18.75 8.85 -2.75
N ALA B 93 19.83 9.13 -3.48
CA ALA B 93 21.18 8.78 -3.03
C ALA B 93 21.57 9.66 -1.85
N ILE B 94 22.32 9.10 -0.91
CA ILE B 94 22.78 9.81 0.29
C ILE B 94 24.31 9.95 0.30
N ASP B 95 24.78 11.18 0.49
CA ASP B 95 26.22 11.47 0.51
C ASP B 95 26.89 11.08 1.84
N ILE B 96 28.10 10.54 1.74
CA ILE B 96 29.04 10.50 2.88
C ILE B 96 30.37 11.06 2.45
N VAL B 97 31.25 11.31 3.41
CA VAL B 97 32.65 11.57 3.11
C VAL B 97 33.40 10.26 3.39
N GLU B 98 34.18 9.80 2.44
CA GLU B 98 35.05 8.66 2.64
C GLU B 98 36.44 9.03 2.14
N ASN B 99 37.42 9.00 3.04
CA ASN B 99 38.80 9.37 2.74
C ASN B 99 38.89 10.72 2.01
N GLY B 100 38.24 11.73 2.59
CA GLY B 100 38.30 13.10 2.07
C GLY B 100 37.58 13.36 0.75
N ARG B 101 36.78 12.41 0.30
CA ARG B 101 36.07 12.51 -0.97
C ARG B 101 34.61 12.17 -0.77
N LEU B 102 33.74 12.97 -1.36
CA LEU B 102 32.30 12.75 -1.31
C LEU B 102 31.92 11.49 -2.07
N LYS B 103 30.98 10.73 -1.51
CA LYS B 103 30.58 9.45 -2.07
C LYS B 103 29.10 9.21 -1.83
N ALA B 104 28.35 8.94 -2.90
CA ALA B 104 26.91 8.77 -2.82
C ALA B 104 26.54 7.32 -2.58
N LEU B 105 25.78 7.08 -1.52
CA LEU B 105 25.31 5.75 -1.17
C LEU B 105 23.90 5.54 -1.69
N ASP B 106 23.59 4.30 -2.06
CA ASP B 106 22.28 3.95 -2.60
C ASP B 106 21.75 2.78 -1.79
N PHE B 107 20.93 3.09 -0.80
CA PHE B 107 20.38 2.09 0.09
C PHE B 107 19.21 1.37 -0.53
N THR B 108 18.82 0.26 0.07
CA THR B 108 17.75 -0.56 -0.48
C THR B 108 16.41 0.06 -0.12
N PHE B 109 15.60 0.33 -1.14
CA PHE B 109 14.25 0.87 -0.96
C PHE B 109 13.25 0.00 -1.73
N ASN B 110 12.38 -0.67 -0.98
CA ASN B 110 11.41 -1.61 -1.56
C ASN B 110 10.02 -0.98 -1.75
N ALA B 111 9.88 0.29 -1.40
CA ALA B 111 8.64 1.05 -1.61
C ALA B 111 7.41 0.36 -1.02
N TRP B 112 7.56 -0.18 0.20
CA TRP B 112 6.48 -0.84 0.92
C TRP B 112 5.73 -1.91 0.10
N GLY B 113 6.47 -2.65 -0.72
CA GLY B 113 5.88 -3.76 -1.50
C GLY B 113 5.91 -3.58 -3.01
N ASN B 114 5.60 -2.37 -3.48
CA ASN B 114 5.44 -2.13 -4.92
C ASN B 114 6.76 -2.25 -5.70
N LYS B 115 6.89 -3.36 -6.42
CA LYS B 115 8.08 -3.64 -7.23
C LYS B 115 8.22 -2.68 -8.41
N PHE B 116 7.09 -2.20 -8.92
CA PHE B 116 7.09 -1.23 -10.02
C PHE B 116 7.71 0.10 -9.54
N GLN B 117 7.25 0.56 -8.38
CA GLN B 117 7.74 1.82 -7.81
C GLN B 117 9.23 1.72 -7.43
N SER B 118 9.61 0.62 -6.78
CA SER B 118 11.01 0.36 -6.44
C SER B 118 11.91 0.45 -7.67
N GLU B 119 11.50 -0.26 -8.71
CA GLU B 119 12.31 -0.37 -9.93
C GLU B 119 12.48 0.98 -10.61
N LEU B 120 11.37 1.71 -10.75
CA LEU B 120 11.44 3.02 -11.39
C LEU B 120 12.25 4.02 -10.54
N ASP B 121 12.13 3.92 -9.21
CA ASP B 121 12.90 4.78 -8.30
C ASP B 121 14.40 4.48 -8.35
N ASN B 122 14.78 3.21 -8.38
CA ASN B 122 16.19 2.84 -8.62
C ASN B 122 16.67 3.33 -9.98
N ALA B 123 15.82 3.22 -10.99
CA ALA B 123 16.17 3.71 -12.33
C ALA B 123 16.42 5.21 -12.34
N VAL B 124 15.70 5.96 -11.50
CA VAL B 124 15.93 7.41 -11.38
C VAL B 124 17.34 7.69 -10.87
N ASN B 125 17.74 6.99 -9.81
CA ASN B 125 19.07 7.18 -9.23
C ASN B 125 20.17 6.77 -10.21
N SER B 126 20.07 5.57 -10.77
CA SER B 126 21.04 5.09 -11.75
C SER B 126 21.23 6.05 -12.92
N LYS B 127 20.12 6.42 -13.56
CA LYS B 127 20.15 7.28 -14.73
C LYS B 127 20.74 8.64 -14.40
N LEU B 128 20.37 9.17 -13.24
CA LEU B 128 20.87 10.46 -12.79
C LEU B 128 22.40 10.44 -12.63
N PHE B 129 22.91 9.41 -11.97
CA PHE B 129 24.35 9.32 -11.70
C PHE B 129 25.15 8.87 -12.93
N LYS B 130 24.55 8.01 -13.75
CA LYS B 130 25.16 7.58 -15.02
C LYS B 130 25.22 8.74 -16.02
N GLU B 131 24.08 9.38 -16.27
CA GLU B 131 23.96 10.35 -17.36
C GLU B 131 24.37 11.79 -17.02
N LYS B 132 24.04 12.25 -15.82
CA LYS B 132 24.28 13.65 -15.47
C LYS B 132 25.55 13.85 -14.65
N PHE B 133 25.61 13.22 -13.49
CA PHE B 133 26.76 13.40 -12.61
C PHE B 133 27.97 12.60 -13.10
N LYS B 134 27.71 11.51 -13.83
CA LYS B 134 28.77 10.67 -14.41
C LYS B 134 29.72 10.24 -13.30
N GLU B 135 29.20 9.39 -12.44
CA GLU B 135 29.78 9.13 -11.14
C GLU B 135 29.25 7.79 -10.61
N GLU B 136 30.12 7.02 -9.97
CA GLU B 136 29.76 5.69 -9.47
C GLU B 136 28.80 5.78 -8.30
N LEU B 137 27.86 4.84 -8.25
CA LEU B 137 26.84 4.83 -7.23
C LEU B 137 26.99 3.56 -6.40
N LYS B 138 27.46 3.71 -5.16
CA LYS B 138 27.73 2.57 -4.31
C LYS B 138 26.43 2.08 -3.70
N LYS B 139 26.03 0.85 -4.07
CA LYS B 139 24.87 0.22 -3.46
C LYS B 139 25.24 -0.19 -2.05
N VAL B 140 24.25 -0.18 -1.16
CA VAL B 140 24.46 -0.62 0.22
C VAL B 140 23.35 -1.61 0.58
N ASP B 141 23.76 -2.78 1.05
CA ASP B 141 22.84 -3.85 1.41
C ASP B 141 22.23 -3.55 2.77
N PHE B 142 21.38 -2.54 2.81
CA PHE B 142 20.71 -2.14 4.03
C PHE B 142 19.47 -1.34 3.64
N ILE B 143 18.35 -1.63 4.30
CA ILE B 143 17.08 -1.01 3.98
C ILE B 143 16.92 0.27 4.80
N LEU B 144 16.71 1.38 4.10
CA LEU B 144 16.74 2.69 4.74
C LEU B 144 16.12 3.75 3.82
N GLU B 145 15.41 4.71 4.44
CA GLU B 145 14.95 5.91 3.73
C GLU B 145 15.65 7.14 4.31
N GLY B 146 15.98 8.10 3.45
CA GLY B 146 16.68 9.30 3.87
C GLY B 146 16.02 10.04 5.03
N GLY B 147 14.69 9.98 5.10
CA GLY B 147 13.94 10.61 6.18
C GLY B 147 13.96 9.92 7.52
N SER B 148 14.59 8.75 7.62
CA SER B 148 14.63 8.00 8.88
C SER B 148 15.90 8.22 9.71
N ILE B 149 16.85 9.00 9.17
CA ILE B 149 18.12 9.27 9.83
C ILE B 149 18.42 10.78 9.81
N ASP B 150 19.20 11.24 10.78
CA ASP B 150 19.56 12.65 10.89
C ASP B 150 20.87 12.78 11.67
N PHE B 151 21.82 13.56 11.13
CA PHE B 151 23.20 13.61 11.63
C PHE B 151 23.59 14.98 12.16
N ASN B 152 24.47 15.02 13.16
CA ASN B 152 25.00 16.29 13.68
C ASN B 152 26.38 16.63 13.11
N GLY B 153 26.98 15.71 12.36
CA GLY B 153 28.27 15.94 11.75
C GLY B 153 29.45 15.72 12.70
N GLU B 154 29.16 15.26 13.92
CA GLU B 154 30.19 14.93 14.91
C GLU B 154 30.13 13.43 15.26
N GLY B 155 29.55 12.64 14.36
CA GLY B 155 29.47 11.20 14.56
C GLY B 155 28.27 10.74 15.38
N VAL B 156 27.29 11.62 15.58
CA VAL B 156 26.06 11.22 16.24
C VAL B 156 24.94 11.18 15.19
N MET B 157 24.05 10.20 15.33
CA MET B 157 22.91 10.07 14.44
C MET B 157 21.65 9.86 15.27
N LEU B 158 20.57 10.46 14.80
CA LEU B 158 19.28 10.42 15.46
C LEU B 158 18.36 9.53 14.60
N THR B 159 17.61 8.65 15.25
CA THR B 159 16.66 7.81 14.53
C THR B 159 15.55 7.28 15.43
N SER B 160 14.54 6.70 14.79
CA SER B 160 13.44 6.08 15.50
C SER B 160 13.61 4.57 15.46
N SER B 161 13.45 3.94 16.60
CA SER B 161 13.49 2.47 16.68
C SER B 161 12.31 1.86 15.92
N HIS B 162 11.12 2.43 16.10
CA HIS B 162 9.92 2.01 15.37
C HIS B 162 10.13 1.95 13.86
N CYS B 163 10.87 2.92 13.33
CA CYS B 163 11.12 2.98 11.90
C CYS B 163 12.05 1.88 11.40
N LEU B 164 13.29 1.86 11.88
CA LEU B 164 14.31 0.97 11.33
C LEU B 164 14.24 -0.48 11.81
N LEU B 165 13.49 -0.73 12.90
CA LEU B 165 13.24 -2.09 13.37
C LEU B 165 11.87 -2.57 12.88
N ASN B 166 11.77 -2.76 11.57
CA ASN B 166 10.53 -3.23 10.94
C ASN B 166 10.79 -3.72 9.52
N ASN B 170 14.47 -4.17 7.79
CA ASN B 170 15.55 -5.11 8.09
C ASN B 170 15.09 -6.19 9.08
N SER B 171 15.04 -7.44 8.61
CA SER B 171 14.51 -8.57 9.40
C SER B 171 15.57 -9.54 9.93
N HIS B 172 16.71 -9.63 9.25
CA HIS B 172 17.73 -10.62 9.58
C HIS B 172 18.44 -10.40 10.93
N LEU B 173 18.48 -9.15 11.39
CA LEU B 173 19.34 -8.79 12.53
C LEU B 173 18.55 -8.25 13.71
N ASN B 174 19.17 -8.32 14.90
CA ASN B 174 18.61 -7.70 16.09
C ASN B 174 19.11 -6.26 16.23
N LYS B 175 18.55 -5.54 17.19
CA LYS B 175 18.83 -4.10 17.37
C LYS B 175 20.33 -3.78 17.50
N THR B 176 21.05 -4.55 18.31
CA THR B 176 22.47 -4.30 18.55
C THR B 176 23.28 -4.45 17.26
N GLN B 177 22.87 -5.39 16.42
CA GLN B 177 23.55 -5.67 15.16
C GLN B 177 23.29 -4.58 14.13
N ILE B 178 22.05 -4.11 14.07
CA ILE B 178 21.68 -3.00 13.20
C ILE B 178 22.45 -1.73 13.63
N ASP B 179 22.48 -1.50 14.94
CA ASP B 179 23.24 -0.40 15.55
C ASP B 179 24.71 -0.43 15.11
N THR B 180 25.30 -1.62 15.12
CA THR B 180 26.69 -1.82 14.68
C THR B 180 26.83 -1.59 13.17
N LYS B 181 25.88 -2.13 12.40
CA LYS B 181 25.85 -1.93 10.95
C LYS B 181 25.85 -0.45 10.55
N LEU B 182 24.96 0.31 11.18
CA LEU B 182 24.82 1.74 10.87
C LEU B 182 26.06 2.54 11.28
N LYS B 183 26.65 2.19 12.41
CA LYS B 183 27.91 2.82 12.84
C LYS B 183 29.04 2.60 11.83
N GLU B 184 29.13 1.38 11.30
CA GLU B 184 30.11 1.05 10.25
C GLU B 184 29.84 1.81 8.96
N ILE B 185 28.58 1.85 8.55
CA ILE B 185 28.22 2.48 7.27
C ILE B 185 28.45 4.00 7.30
N PHE B 186 28.05 4.65 8.39
CA PHE B 186 28.15 6.12 8.48
C PHE B 186 29.32 6.64 9.33
N GLY B 187 30.17 5.74 9.80
CA GLY B 187 31.32 6.11 10.63
C GLY B 187 30.91 6.78 11.92
N LEU B 188 29.93 6.23 12.61
CA LEU B 188 29.35 6.87 13.79
C LEU B 188 29.97 6.41 15.10
N LYS B 189 29.90 7.26 16.11
CA LYS B 189 30.27 6.88 17.47
C LYS B 189 29.04 6.68 18.36
N GLN B 190 27.91 7.31 17.99
CA GLN B 190 26.69 7.21 18.80
C GLN B 190 25.45 7.24 17.94
N ILE B 191 24.47 6.41 18.30
CA ILE B 191 23.12 6.49 17.74
C ILE B 191 22.11 6.71 18.86
N ILE B 192 21.26 7.72 18.67
CA ILE B 192 20.17 7.97 19.59
C ILE B 192 18.93 7.28 19.04
N TRP B 193 18.48 6.23 19.73
CA TRP B 193 17.33 5.46 19.34
C TRP B 193 16.10 5.98 20.05
N LEU B 194 15.29 6.77 19.37
CA LEU B 194 14.08 7.31 19.98
C LEU B 194 12.95 6.28 19.93
N GLU B 195 12.37 6.02 21.10
CA GLU B 195 11.28 5.06 21.24
C GLU B 195 9.90 5.67 21.03
N ASN B 196 9.73 6.93 21.45
CA ASN B 196 8.42 7.57 21.44
C ASN B 196 8.28 8.69 20.41
N GLY B 197 7.04 9.00 20.06
CA GLY B 197 6.73 10.09 19.16
C GLY B 197 6.22 9.61 17.82
N PHE B 198 5.22 10.32 17.28
CA PHE B 198 4.80 10.14 15.89
C PHE B 198 4.02 11.37 15.40
N ILE B 199 3.74 11.39 14.10
CA ILE B 199 2.89 12.42 13.50
C ILE B 199 1.77 11.73 12.71
N LYS B 200 0.65 11.48 13.39
CA LYS B 200 -0.54 10.89 12.77
C LYS B 200 -1.18 11.80 11.72
N GLY B 201 -1.04 11.42 10.45
CA GLY B 201 -1.66 12.12 9.34
C GLY B 201 -2.57 11.19 8.56
N ASP B 203 -2.57 8.03 9.82
CA ASP B 203 -1.87 7.73 11.07
C ASP B 203 -0.50 7.09 10.82
N THR B 204 0.22 6.82 11.90
CA THR B 204 1.55 6.19 11.84
C THR B 204 2.64 7.23 11.52
N ASP B 205 3.66 6.81 10.77
CA ASP B 205 4.78 7.68 10.35
C ASP B 205 5.69 8.10 11.52
N HIS B 206 6.79 7.37 11.69
CA HIS B 206 7.77 7.63 12.73
C HIS B 206 9.11 8.05 12.15
N HIS B 207 9.14 8.41 10.86
CA HIS B 207 10.37 8.96 10.26
C HIS B 207 10.91 10.04 11.17
N ILE B 208 12.21 9.98 11.45
CA ILE B 208 12.82 10.92 12.37
C ILE B 208 12.69 12.38 11.88
N ASP B 209 12.68 12.59 10.57
CA ASP B 209 12.60 13.95 10.04
C ASP B 209 11.21 14.59 10.18
N THR B 210 10.22 13.84 10.68
CA THR B 210 8.95 14.40 11.13
C THR B 210 8.89 14.67 12.64
N LEU B 211 9.91 14.24 13.39
CA LEU B 211 9.92 14.30 14.86
C LEU B 211 11.05 15.13 15.48
N ALA B 212 12.28 14.96 15.00
CA ALA B 212 13.43 15.62 15.62
C ALA B 212 14.60 15.76 14.67
N ARG B 213 15.27 16.90 14.74
CA ARG B 213 16.36 17.22 13.82
C ARG B 213 17.46 17.97 14.54
N PHE B 214 18.71 17.66 14.23
CA PHE B 214 19.83 18.52 14.60
C PHE B 214 19.74 19.82 13.80
N ILE B 215 19.95 20.95 14.47
CA ILE B 215 20.05 22.24 13.77
C ILE B 215 21.47 22.82 13.85
N ASP B 216 22.24 22.37 14.84
CA ASP B 216 23.71 22.50 14.82
C ASP B 216 24.28 21.31 15.59
N LYS B 217 25.60 21.26 15.74
CA LYS B 217 26.24 20.12 16.38
C LYS B 217 25.75 19.86 17.81
N ASN B 218 25.26 20.89 18.49
CA ASN B 218 24.82 20.76 19.89
C ASN B 218 23.32 20.76 20.12
N THR B 219 22.54 20.99 19.08
CA THR B 219 21.15 21.34 19.28
C THR B 219 20.18 20.51 18.46
N ILE B 220 19.17 20.00 19.14
CA ILE B 220 18.10 19.23 18.52
C ILE B 220 16.79 20.00 18.60
N ALA B 221 16.19 20.26 17.44
CA ALA B 221 14.86 20.85 17.36
C ALA B 221 13.84 19.71 17.28
N HIS B 222 12.83 19.75 18.13
CA HIS B 222 11.91 18.62 18.19
C HIS B 222 10.45 19.03 18.37
N CYS B 223 9.56 18.20 17.84
CA CYS B 223 8.13 18.46 17.88
C CYS B 223 7.60 18.31 19.30
N ILE B 224 6.63 19.14 19.64
CA ILE B 224 5.93 19.03 20.91
C ILE B 224 4.47 19.36 20.62
N CYS B 225 3.58 18.98 21.53
CA CYS B 225 2.16 19.28 21.41
C CYS B 225 1.67 19.95 22.68
N GLU B 226 1.01 21.09 22.53
CA GLU B 226 0.57 21.92 23.66
C GLU B 226 -0.83 21.55 24.17
N ASP B 227 -1.67 21.02 23.28
CA ASP B 227 -3.02 20.61 23.64
C ASP B 227 -3.00 19.22 24.27
N GLU B 228 -3.47 19.12 25.51
CA GLU B 228 -3.48 17.84 26.23
C GLU B 228 -4.56 16.86 25.74
N GLU B 229 -5.61 17.37 25.12
CA GLU B 229 -6.66 16.54 24.54
C GLU B 229 -6.21 15.90 23.23
N ASP B 230 -5.18 16.47 22.60
CA ASP B 230 -4.64 15.98 21.34
C ASP B 230 -3.94 14.63 21.52
N GLU B 231 -4.14 13.74 20.55
CA GLU B 231 -3.51 12.42 20.57
C GLU B 231 -1.97 12.44 20.55
N HIS B 232 -1.38 13.57 20.11
CA HIS B 232 0.08 13.72 20.07
C HIS B 232 0.71 14.08 21.42
N TYR B 233 -0.10 14.52 22.39
CA TYR B 233 0.44 15.09 23.63
C TYR B 233 1.39 14.14 24.38
N LEU B 234 0.87 12.99 24.82
CA LEU B 234 1.65 12.05 25.62
C LEU B 234 2.90 11.51 24.90
N PRO B 235 2.73 10.99 23.67
CA PRO B 235 3.87 10.51 22.88
C PRO B 235 5.04 11.50 22.77
N LEU B 236 4.74 12.76 22.46
CA LEU B 236 5.79 13.78 22.31
C LEU B 236 6.39 14.24 23.65
N GLN B 237 5.62 14.14 24.74
CA GLN B 237 6.17 14.40 26.10
C GLN B 237 7.16 13.33 26.49
N LYS B 238 6.82 12.07 26.21
CA LYS B 238 7.75 10.97 26.44
C LYS B 238 9.01 11.13 25.60
N MET B 239 8.83 11.48 24.32
CA MET B 239 9.97 11.75 23.43
C MET B 239 10.81 12.89 24.00
N LYS B 240 10.16 13.95 24.46
CA LYS B 240 10.85 15.10 25.07
C LYS B 240 11.75 14.62 26.22
N GLU B 241 11.20 13.78 27.08
CA GLU B 241 11.96 13.21 28.20
C GLU B 241 13.14 12.36 27.74
N GLU B 242 12.95 11.57 26.69
CA GLU B 242 14.04 10.79 26.11
C GLU B 242 15.15 11.72 25.64
N LEU B 243 14.76 12.79 24.95
CA LEU B 243 15.72 13.74 24.40
C LEU B 243 16.46 14.52 25.49
N LYS B 244 15.80 14.76 26.61
CA LYS B 244 16.41 15.43 27.75
C LYS B 244 17.53 14.62 28.41
N LYS B 245 17.47 13.30 28.27
CA LYS B 245 18.55 12.42 28.75
C LYS B 245 19.80 12.45 27.87
N THR B 246 19.69 12.95 26.65
CA THR B 246 20.82 12.95 25.71
C THR B 246 21.86 14.03 26.01
N GLY B 247 21.45 15.05 26.75
CA GLY B 247 22.35 16.16 27.08
C GLY B 247 22.51 17.21 26.00
N PHE B 248 21.81 17.05 24.87
CA PHE B 248 21.85 18.05 23.80
C PHE B 248 20.92 19.18 24.16
N ASP B 249 21.22 20.38 23.67
CA ASP B 249 20.30 21.52 23.81
C ASP B 249 19.06 21.26 22.97
N LEU B 250 17.89 21.59 23.52
CA LEU B 250 16.63 21.33 22.86
C LEU B 250 15.94 22.61 22.42
N LEU B 251 15.29 22.55 21.26
CA LEU B 251 14.47 23.65 20.74
C LEU B 251 13.13 23.05 20.36
N GLU B 252 12.05 23.65 20.83
CA GLU B 252 10.72 23.05 20.66
C GLU B 252 10.02 23.53 19.40
N LEU B 253 9.31 22.61 18.76
CA LEU B 253 8.53 22.90 17.55
C LEU B 253 7.08 22.47 17.78
N PRO B 254 6.26 23.37 18.34
CA PRO B 254 4.87 22.98 18.62
C PRO B 254 4.07 22.74 17.35
N ILE B 255 3.44 21.58 17.26
CA ILE B 255 2.63 21.22 16.10
C ILE B 255 1.47 22.21 15.95
N PRO B 256 1.02 22.45 14.71
CA PRO B 256 -0.09 23.37 14.50
C PRO B 256 -1.42 22.76 14.90
N LYS B 257 -2.46 23.58 14.88
CA LYS B 257 -3.83 23.09 15.04
C LYS B 257 -4.15 22.11 13.91
N PRO B 258 -5.02 21.13 14.17
CA PRO B 258 -5.38 20.11 13.18
C PRO B 258 -5.73 20.67 11.79
N LEU B 259 -5.08 20.14 10.76
CA LEU B 259 -5.41 20.45 9.37
C LEU B 259 -6.09 19.25 8.74
N TYR B 260 -6.94 19.51 7.75
CA TYR B 260 -7.66 18.45 7.08
C TYR B 260 -7.65 18.58 5.56
N TYR B 261 -7.66 17.45 4.88
CA TYR B 261 -8.05 17.38 3.50
C TYR B 261 -9.13 16.33 3.38
N GLU B 262 -10.34 16.76 3.05
CA GLU B 262 -11.47 15.86 2.83
C GLU B 262 -11.68 14.95 4.04
N GLU B 263 -11.81 15.57 5.20
CA GLU B 263 -12.09 14.88 6.48
C GLU B 263 -10.94 14.02 7.02
N ARG B 264 -9.78 14.05 6.37
CA ARG B 264 -8.61 13.29 6.80
C ARG B 264 -7.67 14.27 7.48
N ARG B 265 -7.28 13.98 8.72
CA ARG B 265 -6.32 14.83 9.42
C ARG B 265 -4.96 14.69 8.76
N LEU B 266 -4.29 15.82 8.53
CA LEU B 266 -3.01 15.85 7.86
C LEU B 266 -1.85 15.87 8.86
N GLY B 267 -0.77 15.17 8.53
CA GLY B 267 0.40 15.12 9.40
C GLY B 267 1.32 16.31 9.26
N ALA B 268 0.87 17.47 9.73
CA ALA B 268 1.69 18.68 9.68
C ALA B 268 2.77 18.63 10.76
N THR B 269 4.01 18.92 10.36
CA THR B 269 5.14 18.96 11.30
C THR B 269 6.14 20.02 10.87
N TYR B 270 6.64 20.77 11.84
CA TYR B 270 7.64 21.81 11.56
C TYR B 270 9.05 21.26 11.48
N ALA B 271 9.22 19.99 11.89
CA ALA B 271 10.52 19.32 11.81
C ALA B 271 10.94 19.00 10.38
N ASN B 272 10.01 19.07 9.43
CA ASN B 272 10.31 18.73 8.05
C ASN B 272 10.86 19.92 7.25
N PHE B 273 11.76 20.67 7.87
CA PHE B 273 12.45 21.79 7.21
C PHE B 273 13.62 21.27 6.40
N VAL B 274 14.26 22.13 5.63
CA VAL B 274 15.46 21.74 4.89
C VAL B 274 16.54 22.83 4.90
N PHE B 275 17.77 22.43 5.22
CA PHE B 275 18.92 23.34 5.17
C PHE B 275 19.38 23.45 3.74
N ILE B 276 19.70 24.67 3.33
CA ILE B 276 20.36 24.94 2.05
C ILE B 276 21.43 25.97 2.35
N ASN B 277 22.26 26.31 1.37
CA ASN B 277 23.34 27.26 1.62
C ASN B 277 22.77 28.57 2.13
N ASN B 278 23.19 28.97 3.33
CA ASN B 278 22.85 30.26 3.93
C ASN B 278 21.38 30.45 4.32
N ALA B 279 20.61 29.36 4.34
CA ALA B 279 19.20 29.44 4.74
C ALA B 279 18.64 28.12 5.27
N LEU B 280 17.57 28.26 6.04
CA LEU B 280 16.76 27.14 6.49
C LEU B 280 15.34 27.40 5.97
N ILE B 281 14.83 26.47 5.18
CA ILE B 281 13.47 26.58 4.64
C ILE B 281 12.54 25.73 5.49
N VAL B 282 11.57 26.39 6.11
CA VAL B 282 10.66 25.77 7.06
C VAL B 282 9.23 25.69 6.51
N PRO B 283 8.55 24.55 6.72
CA PRO B 283 7.18 24.48 6.26
C PRO B 283 6.28 25.39 7.09
N PHE B 284 5.35 26.08 6.41
CA PHE B 284 4.32 26.89 7.05
C PHE B 284 2.97 26.26 6.77
N TYR B 285 2.10 26.23 7.78
CA TYR B 285 0.79 25.64 7.66
C TYR B 285 -0.35 26.64 7.86
N LYS B 286 -0.03 27.94 7.81
CA LYS B 286 -1.00 29.01 8.09
C LYS B 286 -1.59 28.83 9.50
N ASP B 287 -0.69 28.80 10.47
CA ASP B 287 -1.00 28.60 11.86
C ASP B 287 -0.19 29.63 12.63
N LYS B 288 -0.63 29.99 13.84
CA LYS B 288 0.10 30.97 14.65
C LYS B 288 1.50 30.46 14.99
N ASN B 289 1.67 29.15 15.05
CA ASN B 289 2.99 28.57 15.30
C ASN B 289 4.00 28.76 14.16
N ASP B 290 3.53 29.08 12.96
CA ASP B 290 4.44 29.41 11.85
C ASP B 290 5.44 30.47 12.34
N GLU B 291 4.92 31.58 12.85
CA GLU B 291 5.76 32.68 13.33
C GLU B 291 6.59 32.28 14.55
N ILE B 292 5.99 31.52 15.46
CA ILE B 292 6.68 31.10 16.67
C ILE B 292 7.92 30.27 16.34
N ILE B 293 7.76 29.21 15.55
CA ILE B 293 8.91 28.35 15.22
C ILE B 293 9.93 29.07 14.33
N ALA B 294 9.46 29.93 13.42
CA ALA B 294 10.36 30.70 12.57
C ALA B 294 11.24 31.66 13.38
N LYS B 295 10.68 32.22 14.46
CA LYS B 295 11.40 33.12 15.34
C LYS B 295 12.46 32.36 16.16
N ARG B 296 12.05 31.24 16.76
CA ARG B 296 12.95 30.41 17.55
C ARG B 296 14.13 29.85 16.75
N LEU B 297 13.85 29.32 15.57
CA LEU B 297 14.90 28.75 14.71
C LEU B 297 15.85 29.84 14.24
N SER B 298 15.29 31.00 13.92
CA SER B 298 16.08 32.13 13.45
C SER B 298 17.03 32.65 14.53
N LYS B 299 16.54 32.67 15.77
CA LYS B 299 17.34 33.07 16.93
C LYS B 299 18.47 32.09 17.18
N ALA B 300 18.15 30.80 17.14
CA ALA B 300 19.13 29.74 17.34
C ALA B 300 20.11 29.63 16.17
N LEU B 301 19.76 30.18 15.01
CA LEU B 301 20.59 30.07 13.82
C LEU B 301 20.96 31.44 13.23
N PRO B 302 21.87 32.17 13.90
CA PRO B 302 22.18 33.56 13.54
C PRO B 302 22.81 33.78 12.16
N ASN B 303 23.33 32.73 11.54
CA ASN B 303 23.93 32.86 10.22
C ASN B 303 23.11 32.22 9.09
N HIS B 304 21.83 31.95 9.37
CA HIS B 304 20.90 31.43 8.38
C HIS B 304 19.68 32.34 8.27
N LYS B 305 19.23 32.57 7.05
CA LYS B 305 17.91 33.16 6.83
C LYS B 305 16.84 32.06 6.90
N ILE B 306 15.87 32.27 7.77
CA ILE B 306 14.78 31.32 7.97
C ILE B 306 13.58 31.79 7.12
N ILE B 307 13.12 30.92 6.22
CA ILE B 307 12.09 31.29 5.26
C ILE B 307 10.98 30.24 5.27
N GLY B 308 9.77 30.69 5.54
CA GLY B 308 8.61 29.80 5.59
C GLY B 308 8.02 29.62 4.21
N VAL B 309 7.71 28.38 3.84
CA VAL B 309 7.05 28.06 2.59
C VAL B 309 5.79 27.25 2.87
N ASP B 310 4.66 27.71 2.35
CA ASP B 310 3.37 27.07 2.61
C ASP B 310 3.42 25.64 2.12
N ALA B 311 3.23 24.69 3.03
CA ALA B 311 3.43 23.29 2.72
C ALA B 311 2.14 22.49 2.82
N ARG B 312 1.00 23.16 2.89
CA ARG B 312 -0.27 22.49 3.12
C ARG B 312 -0.68 21.53 2.01
N VAL B 313 -0.29 21.83 0.78
CA VAL B 313 -0.65 20.99 -0.37
C VAL B 313 0.19 19.71 -0.36
N PHE B 314 1.47 19.84 0.01
CA PHE B 314 2.35 18.67 0.17
C PHE B 314 1.70 17.65 1.09
N LEU B 315 1.09 18.12 2.18
CA LEU B 315 0.53 17.23 3.20
C LEU B 315 -0.54 16.29 2.67
N ARG B 316 -1.16 16.63 1.54
CA ARG B 316 -2.21 15.79 0.95
C ARG B 316 -1.69 14.43 0.48
N GLN B 317 -0.40 14.32 0.22
CA GLN B 317 0.23 13.04 -0.13
C GLN B 317 1.18 12.55 0.95
N ASN B 318 0.94 12.99 2.18
CA ASN B 318 1.59 12.46 3.39
C ASN B 318 3.08 12.78 3.54
N GLY B 319 3.47 13.98 3.17
CA GLY B 319 4.85 14.42 3.30
C GLY B 319 4.90 15.93 3.28
N SER B 320 6.04 16.49 3.66
CA SER B 320 6.21 17.93 3.66
C SER B 320 7.52 18.28 2.92
N LEU B 321 8.07 19.47 3.16
CA LEU B 321 9.18 19.98 2.36
C LEU B 321 10.43 19.08 2.33
N HIS B 322 10.86 18.58 3.48
CA HIS B 322 12.09 17.76 3.57
C HIS B 322 11.94 16.45 2.79
N CYS B 323 10.77 15.84 2.90
CA CYS B 323 10.46 14.59 2.19
CA CYS B 323 10.48 14.59 2.20
C CYS B 323 10.55 14.74 0.68
N SER B 324 10.26 15.94 0.19
CA SER B 324 10.18 16.19 -1.25
C SER B 324 11.52 16.49 -1.92
N CYS B 325 12.62 16.44 -1.20
CA CYS B 325 13.89 16.86 -1.75
C CYS B 325 15.06 16.07 -1.18
N GLN B 326 16.21 16.19 -1.84
CA GLN B 326 17.43 15.58 -1.36
C GLN B 326 18.58 16.54 -1.61
N ASN B 327 19.56 16.54 -0.71
CA ASN B 327 20.68 17.46 -0.79
C ASN B 327 21.88 16.75 -1.41
N ARG B 328 22.49 17.38 -2.39
CA ARG B 328 23.77 16.91 -2.94
C ARG B 328 24.83 17.92 -2.49
N PHE B 329 25.85 17.42 -1.80
CA PHE B 329 26.79 18.29 -1.10
C PHE B 329 27.98 18.68 -1.97
N LYS B 330 28.57 19.84 -1.65
CA LYS B 330 29.69 20.39 -2.41
C LYS B 330 31.01 19.83 -1.91
N GLY B 331 31.89 19.48 -2.84
CA GLY B 331 33.22 18.99 -2.50
C GLY B 331 33.83 18.05 -3.54
N LEU B 332 34.98 17.50 -3.18
CA LEU B 332 35.71 16.54 -4.00
C LEU B 332 34.92 15.24 -4.14
N ARG B 333 34.84 14.69 -5.34
CA ARG B 333 34.09 13.44 -5.59
C ARG B 333 35.03 12.27 -5.89
#